data_5HLD
#
_entry.id   5HLD
#
_cell.length_a   62.340
_cell.length_b   63.940
_cell.length_c   294.630
_cell.angle_alpha   90.00
_cell.angle_beta   90.00
_cell.angle_gamma   90.00
#
_symmetry.space_group_name_H-M   'P 2 21 21'
#
loop_
_entity.id
_entity.type
_entity.pdbx_description
1 polymer 'Penicillin-binding protein 1B'
2 non-polymer '(2S)-5-methylidene-2-{(1R)-2-oxo-1-[(thiophen-2-ylacetyl)amino]ethyl}-5,6-dihydro-2H-1,3-thiazine-4-carboxylic acid'
3 non-polymer MOENOMYCIN
4 water water
#
_entity_poly.entity_id   1
_entity_poly.type   'polypeptide(L)'
_entity_poly.pdbx_seq_one_letter_code
;KPRGKRGWLWLLLKLAIVFAVLIAIYGVYLDQKIRSRIDGKVWQLPAAVYGRMVNLEPDMTISKNEMVKLLEATQYRQVS
KMTRPGEFTVQANSIEMIRRPFDFPDSKEGQVRARLTFDGDHLATIVNMENNRQFGFFRLDPRLITMISSPNGEQRLFVP
RSGFPDLLVDTLLATEDRHFYEHDGISLYSIGRAVLANLTAGRTVQGASTLTQQLVKNLFLSSERSYWRKANEAYMALIM
DARYSKDRILELYMNEVYLGQSGDNEIRGFPLASLYYFGRPVEELSLDQQALLVGMVKGASIYNPWRNPKLALERRNLVL
RLLQQQQIIDQELYDMLSARPLGVQPRGGVISPQPAFMQLVRQELQAKLGDKVKDLSGVKIFTTFDSVAQDAAEKAAVEG
IPALKKQRKLSDLETAIVVVDRFSGEVRAMVGGSEPQFAGYNRAMQARRSIGSLAKPATYLTALSQPKIYRLNTWIADAP
IALRQPNGQVWSPQNDDRRYSESGRVMLVDALTRSMNVPTVNLGMALGLPAVTETWIKLGVPKDQLHPVPAMLLGALNLT
PIEVAQAFQTIASGGNRAPLSALRSVIAEDGKVLYQSFPQAERAVPAQAAYLTLWTMQQVVQRGTGRQLGAKYPNLHLAG
KTGTTNNNVDTWFAGIDGSTVTITWVGRDNNQPTKLYGASGAMSIYQRYLANQTPTPLNLVPPEDIADMGVDYDGNFVCS
GGMRILPVWTSDPQSLCQQSEMQQQPS
;
_entity_poly.pdbx_strand_id   A
#
loop_
_chem_comp.id
_chem_comp.type
_chem_comp.name
_chem_comp.formula
63V non-polymer '(2S)-5-methylidene-2-{(1R)-2-oxo-1-[(thiophen-2-ylacetyl)amino]ethyl}-5,6-dihydro-2H-1,3-thiazine-4-carboxylic acid' 'C14 H14 N2 O4 S2'
M0E non-polymer MOENOMYCIN 'C69 H106 N5 O34 P'
#
# COMPACT_ATOMS: atom_id res chain seq x y z
N ALA A 16 15.06 -45.13 -55.31
CA ALA A 16 14.32 -45.50 -54.10
C ALA A 16 13.32 -44.41 -53.73
N ILE A 17 12.09 -44.51 -54.29
CA ILE A 17 11.00 -43.56 -54.07
C ILE A 17 10.33 -43.70 -52.67
N VAL A 18 10.82 -44.66 -51.86
CA VAL A 18 10.40 -44.97 -50.49
C VAL A 18 10.67 -43.76 -49.58
N PHE A 19 11.72 -42.97 -49.87
CA PHE A 19 12.13 -41.77 -49.13
C PHE A 19 11.00 -40.77 -48.92
N ALA A 20 10.21 -40.50 -49.98
CA ALA A 20 9.07 -39.57 -49.95
C ALA A 20 7.87 -40.10 -49.12
N VAL A 21 8.00 -41.32 -48.56
CA VAL A 21 7.00 -41.97 -47.71
C VAL A 21 7.44 -41.86 -46.23
N LEU A 22 8.75 -42.08 -45.91
CA LEU A 22 9.22 -41.92 -44.53
C LEU A 22 9.36 -40.47 -44.05
N ILE A 23 9.52 -39.51 -44.99
CA ILE A 23 9.60 -38.07 -44.68
C ILE A 23 8.18 -37.51 -44.54
N ALA A 24 7.21 -38.11 -45.26
CA ALA A 24 5.79 -37.75 -45.22
C ALA A 24 5.18 -38.20 -43.90
N ILE A 25 5.60 -39.39 -43.40
CA ILE A 25 5.12 -39.92 -42.10
C ILE A 25 5.76 -39.14 -40.93
N TYR A 26 6.92 -38.50 -41.17
CA TYR A 26 7.59 -37.64 -40.19
C TYR A 26 6.80 -36.33 -40.07
N GLY A 27 6.23 -35.88 -41.20
CA GLY A 27 5.38 -34.69 -41.29
C GLY A 27 4.07 -34.85 -40.54
N VAL A 28 3.53 -36.08 -40.51
CA VAL A 28 2.31 -36.43 -39.78
C VAL A 28 2.67 -36.58 -38.28
N TYR A 29 3.92 -37.01 -37.99
CA TYR A 29 4.41 -37.13 -36.61
C TYR A 29 5.06 -35.84 -36.08
N LEU A 30 5.02 -34.77 -36.89
CA LEU A 30 5.45 -33.42 -36.56
C LEU A 30 4.17 -32.65 -36.28
N ASP A 31 3.11 -32.92 -37.10
CA ASP A 31 1.78 -32.35 -36.96
C ASP A 31 1.15 -32.79 -35.63
N GLN A 32 1.63 -33.93 -35.08
CA GLN A 32 1.22 -34.47 -33.78
C GLN A 32 1.81 -33.60 -32.66
N LYS A 33 3.09 -33.18 -32.81
CA LYS A 33 3.83 -32.34 -31.85
C LYS A 33 3.35 -30.88 -31.85
N ILE A 34 2.95 -30.35 -33.04
CA ILE A 34 2.43 -28.98 -33.21
C ILE A 34 0.94 -28.92 -32.74
N ARG A 35 0.38 -30.09 -32.38
CA ARG A 35 -0.99 -30.25 -31.84
C ARG A 35 -0.95 -30.29 -30.31
N SER A 36 -0.17 -31.23 -29.72
CA SER A 36 0.01 -31.40 -28.27
C SER A 36 0.42 -30.12 -27.55
N ARG A 37 1.11 -29.21 -28.28
CA ARG A 37 1.57 -27.93 -27.76
C ARG A 37 0.51 -26.83 -27.96
N ILE A 38 0.20 -26.46 -29.22
CA ILE A 38 -0.76 -25.39 -29.59
C ILE A 38 -2.23 -25.65 -29.17
N ASP A 39 -2.63 -26.93 -29.07
CA ASP A 39 -3.97 -27.27 -28.59
C ASP A 39 -3.88 -27.58 -27.09
N GLY A 40 -3.90 -26.51 -26.30
CA GLY A 40 -3.78 -26.56 -24.84
C GLY A 40 -2.76 -25.58 -24.32
N LYS A 41 -1.94 -26.02 -23.34
CA LYS A 41 -0.90 -25.19 -22.73
C LYS A 41 0.29 -24.94 -23.67
N VAL A 42 0.37 -23.71 -24.19
CA VAL A 42 1.45 -23.26 -25.10
C VAL A 42 2.63 -22.82 -24.24
N TRP A 43 2.35 -22.06 -23.16
CA TRP A 43 3.35 -21.55 -22.22
C TRP A 43 2.90 -21.67 -20.77
N GLN A 44 3.88 -21.57 -19.84
CA GLN A 44 3.64 -21.54 -18.40
C GLN A 44 3.67 -20.04 -18.05
N LEU A 45 2.56 -19.35 -18.41
CA LEU A 45 2.39 -17.90 -18.24
C LEU A 45 2.46 -17.48 -16.77
N PRO A 46 3.46 -16.64 -16.39
CA PRO A 46 3.57 -16.21 -14.98
C PRO A 46 2.40 -15.39 -14.46
N ALA A 47 2.19 -15.45 -13.14
CA ALA A 47 1.11 -14.75 -12.45
C ALA A 47 1.33 -13.25 -12.44
N ALA A 48 0.32 -12.49 -12.92
CA ALA A 48 0.34 -11.04 -13.01
C ALA A 48 -0.23 -10.39 -11.76
N VAL A 49 0.57 -9.51 -11.12
CA VAL A 49 0.23 -8.81 -9.89
C VAL A 49 -0.24 -7.37 -10.17
N TYR A 50 -1.51 -7.08 -9.84
CA TYR A 50 -2.14 -5.76 -10.04
C TYR A 50 -2.38 -5.03 -8.71
N GLY A 51 -2.39 -3.71 -8.75
CA GLY A 51 -2.64 -2.87 -7.58
C GLY A 51 -4.12 -2.75 -7.28
N ARG A 52 -4.48 -1.75 -6.44
CA ARG A 52 -5.87 -1.50 -6.06
C ARG A 52 -6.69 -0.98 -7.25
N MET A 53 -7.95 -1.41 -7.35
CA MET A 53 -8.89 -0.98 -8.39
C MET A 53 -9.76 0.10 -7.78
N VAL A 54 -9.41 1.37 -8.06
CA VAL A 54 -10.09 2.54 -7.50
C VAL A 54 -11.37 2.87 -8.25
N ASN A 55 -12.50 2.92 -7.52
CA ASN A 55 -13.80 3.29 -8.09
C ASN A 55 -14.13 4.73 -7.82
N LEU A 56 -14.12 5.55 -8.87
CA LEU A 56 -14.47 6.97 -8.79
C LEU A 56 -15.99 7.06 -8.69
N GLU A 57 -16.50 8.04 -7.94
CA GLU A 57 -17.93 8.17 -7.69
C GLU A 57 -18.33 9.65 -7.50
N PRO A 58 -19.53 10.11 -7.98
CA PRO A 58 -19.93 11.51 -7.72
C PRO A 58 -19.96 11.85 -6.23
N ASP A 59 -19.56 13.09 -5.88
CA ASP A 59 -19.46 13.64 -4.52
C ASP A 59 -18.29 13.12 -3.67
N MET A 60 -17.39 12.33 -4.27
CA MET A 60 -16.20 11.79 -3.60
C MET A 60 -15.16 12.90 -3.41
N THR A 61 -14.57 12.97 -2.20
CA THR A 61 -13.57 13.97 -1.82
C THR A 61 -12.20 13.70 -2.47
N ILE A 62 -12.01 14.25 -3.68
CA ILE A 62 -10.80 14.17 -4.49
C ILE A 62 -10.70 15.44 -5.36
N SER A 63 -9.55 16.12 -5.35
CA SER A 63 -9.38 17.35 -6.13
C SER A 63 -8.86 17.06 -7.55
N LYS A 64 -8.80 18.10 -8.39
CA LYS A 64 -8.33 18.04 -9.78
C LYS A 64 -6.86 17.61 -9.83
N ASN A 65 -6.00 18.21 -8.96
CA ASN A 65 -4.57 17.95 -8.84
C ASN A 65 -4.31 16.53 -8.32
N GLU A 66 -5.16 16.08 -7.36
CA GLU A 66 -5.12 14.77 -6.72
C GLU A 66 -5.47 13.68 -7.74
N MET A 67 -6.38 14.00 -8.69
CA MET A 67 -6.82 13.10 -9.76
C MET A 67 -5.75 12.94 -10.85
N VAL A 68 -5.06 14.04 -11.23
CA VAL A 68 -3.96 14.04 -12.23
C VAL A 68 -2.83 13.13 -11.73
N LYS A 69 -2.47 13.26 -10.44
CA LYS A 69 -1.47 12.47 -9.75
C LYS A 69 -1.88 11.00 -9.72
N LEU A 70 -3.17 10.71 -9.42
CA LEU A 70 -3.74 9.37 -9.38
C LEU A 70 -3.67 8.74 -10.78
N LEU A 71 -3.97 9.54 -11.83
CA LEU A 71 -3.92 9.10 -13.23
C LEU A 71 -2.50 8.80 -13.67
N GLU A 72 -1.56 9.75 -13.46
CA GLU A 72 -0.14 9.61 -13.82
C GLU A 72 0.48 8.36 -13.17
N ALA A 73 0.10 8.09 -11.90
CA ALA A 73 0.56 6.93 -11.15
C ALA A 73 -0.01 5.62 -11.73
N THR A 74 -1.18 5.68 -12.42
CA THR A 74 -1.85 4.53 -13.03
C THR A 74 -1.50 4.39 -14.54
N GLN A 75 -0.31 4.90 -14.94
CA GLN A 75 0.25 4.88 -16.30
C GLN A 75 -0.51 5.71 -17.35
N TYR A 76 -1.19 6.79 -16.90
CA TYR A 76 -1.93 7.71 -17.77
C TYR A 76 -1.05 8.91 -18.14
N ARG A 77 -1.00 9.22 -19.44
CA ARG A 77 -0.17 10.30 -19.99
C ARG A 77 -0.97 11.55 -20.30
N GLN A 78 -0.47 12.72 -19.84
CA GLN A 78 -1.14 13.99 -20.13
C GLN A 78 -0.80 14.45 -21.53
N VAL A 79 -1.85 14.79 -22.31
CA VAL A 79 -1.75 15.28 -23.70
C VAL A 79 -2.62 16.55 -23.87
N SER A 80 -2.59 17.15 -25.07
CA SER A 80 -3.39 18.33 -25.41
C SER A 80 -4.68 17.92 -26.17
N LYS A 81 -4.58 16.84 -26.99
CA LYS A 81 -5.67 16.24 -27.77
C LYS A 81 -5.54 14.72 -27.71
N MET A 82 -6.60 14.02 -27.26
CA MET A 82 -6.60 12.55 -27.10
C MET A 82 -6.88 11.82 -28.40
N THR A 83 -6.06 10.79 -28.67
CA THR A 83 -6.13 9.95 -29.87
C THR A 83 -6.13 8.46 -29.49
N ARG A 84 -5.42 8.12 -28.41
CA ARG A 84 -5.23 6.75 -27.92
C ARG A 84 -5.75 6.54 -26.49
N PRO A 85 -6.08 5.29 -26.06
CA PRO A 85 -6.47 5.08 -24.66
C PRO A 85 -5.30 5.31 -23.70
N GLY A 86 -5.59 5.51 -22.42
CA GLY A 86 -4.55 5.77 -21.44
C GLY A 86 -3.98 7.18 -21.50
N GLU A 87 -4.75 8.12 -22.10
CA GLU A 87 -4.37 9.53 -22.24
C GLU A 87 -5.36 10.40 -21.50
N PHE A 88 -4.94 11.62 -21.11
CA PHE A 88 -5.81 12.57 -20.42
C PHE A 88 -5.47 14.05 -20.71
N THR A 89 -6.48 14.93 -20.63
CA THR A 89 -6.31 16.37 -20.84
C THR A 89 -6.73 17.13 -19.59
N VAL A 90 -6.03 18.22 -19.29
CA VAL A 90 -6.29 19.04 -18.11
C VAL A 90 -6.95 20.36 -18.50
N GLN A 91 -8.10 20.67 -17.86
CA GLN A 91 -8.88 21.90 -18.04
C GLN A 91 -8.94 22.65 -16.71
N ALA A 92 -9.56 23.85 -16.71
CA ALA A 92 -9.69 24.72 -15.52
C ALA A 92 -10.43 24.05 -14.34
N ASN A 93 -11.53 23.31 -14.63
CA ASN A 93 -12.32 22.63 -13.60
C ASN A 93 -12.75 21.21 -13.97
N SER A 94 -12.07 20.59 -14.97
CA SER A 94 -12.36 19.22 -15.40
C SER A 94 -11.13 18.47 -15.94
N ILE A 95 -11.30 17.14 -16.16
CA ILE A 95 -10.32 16.22 -16.72
C ILE A 95 -11.06 15.29 -17.71
N GLU A 96 -10.50 15.13 -18.92
CA GLU A 96 -11.06 14.26 -19.95
C GLU A 96 -10.12 13.08 -20.14
N MET A 97 -10.65 11.85 -20.14
CA MET A 97 -9.82 10.65 -20.23
C MET A 97 -10.42 9.48 -21.02
N ILE A 98 -9.54 8.69 -21.66
CA ILE A 98 -9.94 7.45 -22.32
C ILE A 98 -9.41 6.32 -21.43
N ARG A 99 -10.29 5.84 -20.53
CA ARG A 99 -9.98 4.74 -19.62
C ARG A 99 -9.77 3.50 -20.45
N ARG A 100 -8.52 3.00 -20.46
CA ARG A 100 -8.08 1.84 -21.22
C ARG A 100 -8.87 0.57 -20.90
N PRO A 101 -9.05 -0.34 -21.89
CA PRO A 101 -9.80 -1.58 -21.60
C PRO A 101 -9.11 -2.46 -20.56
N PHE A 102 -9.89 -2.93 -19.59
CA PHE A 102 -9.40 -3.83 -18.56
C PHE A 102 -10.38 -4.93 -18.27
N ASP A 103 -9.87 -6.16 -18.18
CA ASP A 103 -10.66 -7.34 -17.87
C ASP A 103 -10.83 -7.43 -16.35
N PHE A 104 -11.71 -6.56 -15.79
CA PHE A 104 -12.02 -6.49 -14.35
C PHE A 104 -12.69 -7.80 -13.90
N PRO A 105 -12.41 -8.29 -12.66
CA PRO A 105 -13.07 -9.54 -12.20
C PRO A 105 -14.60 -9.45 -12.13
N ASP A 106 -15.13 -8.25 -11.80
CA ASP A 106 -16.57 -7.99 -11.72
C ASP A 106 -17.23 -8.07 -13.10
N SER A 107 -16.75 -7.24 -14.04
CA SER A 107 -17.25 -7.15 -15.41
C SER A 107 -16.17 -6.61 -16.35
N LYS A 108 -15.92 -7.31 -17.48
CA LYS A 108 -14.95 -6.88 -18.50
C LYS A 108 -15.49 -5.63 -19.21
N GLU A 109 -14.62 -4.62 -19.40
CA GLU A 109 -14.96 -3.34 -20.03
C GLU A 109 -14.00 -3.01 -21.18
N GLY A 110 -14.37 -2.01 -21.99
CA GLY A 110 -13.59 -1.53 -23.11
C GLY A 110 -13.16 -0.08 -22.96
N GLN A 111 -13.01 0.63 -24.10
CA GLN A 111 -12.63 2.05 -24.13
C GLN A 111 -13.79 2.94 -23.68
N VAL A 112 -13.57 3.78 -22.65
CA VAL A 112 -14.60 4.70 -22.17
C VAL A 112 -14.04 6.12 -22.14
N ARG A 113 -14.54 6.99 -23.02
CA ARG A 113 -14.15 8.39 -23.08
C ARG A 113 -15.01 9.09 -22.01
N ALA A 114 -14.38 9.51 -20.90
CA ALA A 114 -15.09 10.12 -19.78
C ALA A 114 -14.56 11.48 -19.36
N ARG A 115 -15.45 12.32 -18.81
CA ARG A 115 -15.13 13.64 -18.28
C ARG A 115 -15.43 13.67 -16.78
N LEU A 116 -14.44 14.12 -16.00
CA LEU A 116 -14.51 14.23 -14.55
C LEU A 116 -14.55 15.72 -14.21
N THR A 117 -15.71 16.20 -13.75
CA THR A 117 -15.93 17.60 -13.40
C THR A 117 -15.84 17.77 -11.89
N PHE A 118 -14.99 18.71 -11.45
CA PHE A 118 -14.72 18.97 -10.03
C PHE A 118 -15.32 20.25 -9.48
N ASP A 119 -15.51 20.28 -8.14
CA ASP A 119 -16.02 21.42 -7.38
C ASP A 119 -15.21 21.46 -6.06
N GLY A 120 -14.13 22.22 -6.08
CA GLY A 120 -13.23 22.37 -4.94
C GLY A 120 -12.43 21.11 -4.67
N ASP A 121 -12.59 20.55 -3.46
CA ASP A 121 -11.89 19.33 -3.05
C ASP A 121 -12.64 18.02 -3.35
N HIS A 122 -13.79 18.10 -4.06
CA HIS A 122 -14.59 16.93 -4.41
C HIS A 122 -14.97 16.81 -5.88
N LEU A 123 -15.16 15.57 -6.37
CA LEU A 123 -15.57 15.26 -7.75
C LEU A 123 -17.09 15.42 -7.82
N ALA A 124 -17.60 16.13 -8.83
CA ALA A 124 -19.04 16.33 -8.97
C ALA A 124 -19.67 15.28 -9.88
N THR A 125 -19.25 15.21 -11.16
CA THR A 125 -19.82 14.30 -12.14
C THR A 125 -18.76 13.52 -12.92
N ILE A 126 -19.10 12.28 -13.27
CA ILE A 126 -18.30 11.45 -14.16
C ILE A 126 -19.27 11.17 -15.28
N VAL A 127 -19.04 11.80 -16.44
CA VAL A 127 -19.92 11.75 -17.61
C VAL A 127 -19.26 11.09 -18.81
N ASN A 128 -19.93 10.06 -19.40
CA ASN A 128 -19.47 9.35 -20.59
C ASN A 128 -19.60 10.32 -21.76
N MET A 129 -18.48 10.65 -22.39
CA MET A 129 -18.41 11.60 -23.50
C MET A 129 -19.02 11.11 -24.83
N GLU A 130 -19.41 9.82 -24.91
CA GLU A 130 -20.03 9.19 -26.08
C GLU A 130 -21.54 9.45 -26.15
N ASN A 131 -22.22 9.47 -24.99
CA ASN A 131 -23.67 9.70 -24.89
C ASN A 131 -24.06 10.84 -23.95
N ASN A 132 -23.06 11.49 -23.31
CA ASN A 132 -23.22 12.62 -22.37
C ASN A 132 -24.10 12.30 -21.14
N ARG A 133 -23.95 11.07 -20.60
CA ARG A 133 -24.69 10.55 -19.44
C ARG A 133 -23.82 10.38 -18.18
N GLN A 134 -24.41 10.64 -17.01
CA GLN A 134 -23.74 10.51 -15.71
C GLN A 134 -23.47 9.06 -15.30
N PHE A 135 -22.41 8.85 -14.52
CA PHE A 135 -22.01 7.53 -13.99
C PHE A 135 -22.27 7.44 -12.50
N GLY A 136 -22.86 6.33 -12.08
CA GLY A 136 -23.12 6.01 -10.67
C GLY A 136 -21.81 5.84 -9.93
N PHE A 137 -20.87 5.15 -10.61
CA PHE A 137 -19.49 4.90 -10.25
C PHE A 137 -18.69 4.57 -11.51
N PHE A 138 -17.44 5.04 -11.57
CA PHE A 138 -16.57 4.82 -12.72
C PHE A 138 -15.33 4.08 -12.28
N ARG A 139 -15.01 3.00 -13.00
CA ARG A 139 -13.89 2.15 -12.67
C ARG A 139 -12.57 2.61 -13.27
N LEU A 140 -11.52 2.57 -12.46
CA LEU A 140 -10.15 2.87 -12.87
C LEU A 140 -9.46 1.53 -12.88
N ASP A 141 -8.74 1.25 -13.98
CA ASP A 141 -7.98 0.03 -14.16
C ASP A 141 -6.78 0.04 -13.21
N PRO A 142 -6.34 -1.13 -12.68
CA PRO A 142 -5.16 -1.11 -11.79
C PRO A 142 -3.85 -1.13 -12.57
N ARG A 143 -2.79 -0.62 -11.94
CA ARG A 143 -1.46 -0.63 -12.55
C ARG A 143 -0.81 -1.98 -12.24
N LEU A 144 -0.13 -2.56 -13.24
CA LEU A 144 0.59 -3.82 -13.10
C LEU A 144 1.90 -3.53 -12.36
N ILE A 145 2.01 -4.03 -11.12
CA ILE A 145 3.17 -3.86 -10.24
C ILE A 145 4.36 -4.67 -10.74
N THR A 146 4.19 -6.01 -10.84
CA THR A 146 5.23 -6.97 -11.23
C THR A 146 4.61 -8.30 -11.72
N MET A 147 5.47 -9.25 -12.10
CA MET A 147 5.14 -10.61 -12.52
C MET A 147 5.87 -11.55 -11.57
N ILE A 148 5.19 -12.61 -11.09
CA ILE A 148 5.81 -13.58 -10.19
C ILE A 148 6.66 -14.55 -11.01
N SER A 149 7.97 -14.59 -10.69
CA SER A 149 9.02 -15.40 -11.32
C SER A 149 8.56 -16.78 -11.83
N SER A 150 8.61 -16.96 -13.16
CA SER A 150 8.20 -18.18 -13.86
C SER A 150 9.22 -19.33 -13.65
N PRO A 151 8.78 -20.62 -13.58
CA PRO A 151 9.75 -21.72 -13.41
C PRO A 151 10.82 -21.81 -14.50
N ASN A 152 10.42 -21.51 -15.75
CA ASN A 152 11.28 -21.47 -16.96
C ASN A 152 12.29 -20.33 -16.85
N GLY A 153 11.82 -19.20 -16.33
CA GLY A 153 12.57 -17.95 -16.25
C GLY A 153 12.16 -17.04 -17.39
N GLU A 154 11.26 -17.56 -18.26
CA GLU A 154 10.71 -16.86 -19.41
C GLU A 154 9.44 -16.15 -18.96
N GLN A 155 9.51 -14.81 -18.87
CA GLN A 155 8.42 -13.95 -18.44
C GLN A 155 7.59 -13.46 -19.63
N ARG A 156 6.27 -13.75 -19.61
CA ARG A 156 5.32 -13.40 -20.67
C ARG A 156 4.00 -12.85 -20.10
N LEU A 157 3.30 -12.03 -20.90
CA LEU A 157 1.98 -11.49 -20.58
C LEU A 157 1.13 -11.71 -21.82
N PHE A 158 0.23 -12.71 -21.78
CA PHE A 158 -0.61 -13.09 -22.91
C PHE A 158 -1.68 -12.06 -23.29
N VAL A 159 -1.72 -11.74 -24.59
CA VAL A 159 -2.68 -10.84 -25.22
C VAL A 159 -3.10 -11.51 -26.56
N PRO A 160 -4.42 -11.68 -26.84
CA PRO A 160 -4.84 -12.29 -28.12
C PRO A 160 -4.63 -11.31 -29.28
N ARG A 161 -4.57 -11.85 -30.52
CA ARG A 161 -4.34 -11.13 -31.79
C ARG A 161 -4.94 -9.70 -31.84
N SER A 162 -6.24 -9.57 -31.53
CA SER A 162 -7.01 -8.33 -31.55
C SER A 162 -6.48 -7.20 -30.68
N GLY A 163 -5.84 -7.55 -29.56
CA GLY A 163 -5.27 -6.60 -28.61
C GLY A 163 -4.16 -5.72 -29.16
N PHE A 164 -3.45 -6.21 -30.20
CA PHE A 164 -2.35 -5.50 -30.85
C PHE A 164 -2.90 -4.55 -31.92
N PRO A 165 -2.40 -3.28 -32.00
CA PRO A 165 -2.90 -2.35 -33.02
C PRO A 165 -2.49 -2.77 -34.44
N ASP A 166 -3.27 -2.33 -35.44
CA ASP A 166 -3.04 -2.62 -36.87
C ASP A 166 -1.71 -2.06 -37.38
N LEU A 167 -1.28 -0.89 -36.85
CA LEU A 167 -0.02 -0.23 -37.22
C LEU A 167 1.21 -1.02 -36.75
N LEU A 168 1.18 -1.50 -35.48
CA LEU A 168 2.26 -2.31 -34.87
C LEU A 168 2.46 -3.60 -35.68
N VAL A 169 1.33 -4.24 -36.09
CA VAL A 169 1.27 -5.45 -36.90
C VAL A 169 1.95 -5.19 -38.27
N ASP A 170 1.65 -4.02 -38.89
CA ASP A 170 2.21 -3.60 -40.17
C ASP A 170 3.68 -3.16 -40.10
N THR A 171 4.12 -2.64 -38.93
CA THR A 171 5.51 -2.24 -38.69
C THR A 171 6.36 -3.53 -38.60
N LEU A 172 5.70 -4.63 -38.18
CA LEU A 172 6.26 -5.98 -38.06
C LEU A 172 6.13 -6.73 -39.39
N LEU A 173 5.07 -6.47 -40.16
CA LEU A 173 4.81 -7.15 -41.44
C LEU A 173 4.86 -6.15 -42.62
N ALA A 174 6.05 -5.85 -43.20
CA ALA A 174 7.40 -6.32 -42.88
C ALA A 174 8.11 -5.26 -41.97
N THR A 175 9.35 -5.46 -41.42
CA THR A 175 10.35 -6.55 -41.52
C THR A 175 9.89 -7.95 -41.09
N GLU A 176 10.01 -8.93 -42.02
CA GLU A 176 9.62 -10.34 -41.93
C GLU A 176 8.13 -10.52 -42.18
N THR A 212 5.73 -17.13 -39.65
CA THR A 212 5.57 -18.56 -39.44
C THR A 212 6.89 -19.31 -39.28
N GLN A 213 7.94 -18.87 -40.00
CA GLN A 213 9.29 -19.44 -39.98
C GLN A 213 9.95 -19.20 -38.61
N GLN A 214 9.85 -17.99 -38.09
CA GLN A 214 10.43 -17.69 -36.78
C GLN A 214 9.71 -18.41 -35.63
N LEU A 215 8.38 -18.43 -35.69
CA LEU A 215 7.54 -19.03 -34.65
C LEU A 215 8.08 -20.38 -34.13
N VAL A 216 8.19 -21.39 -35.03
CA VAL A 216 8.67 -22.74 -34.73
C VAL A 216 10.11 -22.79 -34.18
N LYS A 217 10.98 -21.86 -34.64
CA LYS A 217 12.38 -21.74 -34.23
C LYS A 217 12.50 -21.49 -32.72
N ASN A 218 11.74 -20.50 -32.21
CA ASN A 218 11.72 -20.12 -30.80
C ASN A 218 10.82 -21.04 -29.95
N LEU A 219 9.92 -21.80 -30.60
CA LEU A 219 8.97 -22.68 -29.94
C LEU A 219 9.44 -24.12 -29.71
N PHE A 220 10.03 -24.76 -30.74
CA PHE A 220 10.44 -26.17 -30.66
C PHE A 220 11.93 -26.46 -30.93
N LEU A 221 12.70 -25.46 -31.40
CA LEU A 221 14.11 -25.70 -31.77
C LEU A 221 15.18 -25.17 -30.81
N SER A 222 16.43 -25.64 -31.03
CA SER A 222 17.64 -25.27 -30.30
C SER A 222 18.02 -23.82 -30.61
N LYS A 230 17.67 -25.84 -40.25
CA LYS A 230 16.98 -24.98 -41.21
C LYS A 230 15.84 -25.72 -41.93
N ALA A 231 16.11 -26.94 -42.43
CA ALA A 231 15.13 -27.76 -43.15
C ALA A 231 13.99 -28.27 -42.27
N ASN A 232 14.28 -28.50 -40.97
CA ASN A 232 13.30 -29.00 -39.99
C ASN A 232 12.21 -27.97 -39.71
N GLU A 233 12.59 -26.69 -39.47
CA GLU A 233 11.65 -25.59 -39.21
C GLU A 233 10.81 -25.25 -40.44
N ALA A 234 11.42 -25.30 -41.65
CA ALA A 234 10.77 -25.03 -42.93
C ALA A 234 9.66 -26.03 -43.21
N TYR A 235 9.88 -27.31 -42.79
CA TYR A 235 8.90 -28.39 -42.92
C TYR A 235 7.77 -28.13 -41.93
N MET A 236 8.11 -27.77 -40.66
CA MET A 236 7.16 -27.43 -39.60
C MET A 236 6.34 -26.19 -39.95
N ALA A 237 6.95 -25.20 -40.64
CA ALA A 237 6.33 -23.94 -41.07
C ALA A 237 5.21 -24.17 -42.09
N LEU A 238 5.37 -25.18 -42.98
CA LEU A 238 4.36 -25.55 -43.98
C LEU A 238 3.27 -26.45 -43.41
N ILE A 239 3.49 -26.99 -42.19
CA ILE A 239 2.54 -27.83 -41.43
C ILE A 239 1.66 -26.86 -40.62
N MET A 240 2.29 -25.86 -39.97
CA MET A 240 1.70 -24.81 -39.14
C MET A 240 0.74 -23.91 -39.92
N ASP A 241 1.22 -23.25 -40.99
CA ASP A 241 0.48 -22.32 -41.85
C ASP A 241 -0.75 -22.94 -42.51
N ALA A 242 -0.71 -24.26 -42.79
CA ALA A 242 -1.83 -25.00 -43.39
C ALA A 242 -2.92 -25.35 -42.38
N ARG A 243 -2.54 -25.66 -41.12
CA ARG A 243 -3.47 -26.05 -40.05
C ARG A 243 -4.15 -24.89 -39.32
N TYR A 244 -3.41 -23.81 -39.01
CA TYR A 244 -3.95 -22.66 -38.29
C TYR A 244 -4.00 -21.41 -39.18
N SER A 245 -5.00 -20.54 -38.94
CA SER A 245 -5.21 -19.29 -39.69
C SER A 245 -4.03 -18.34 -39.55
N LYS A 246 -3.70 -17.60 -40.64
CA LYS A 246 -2.61 -16.62 -40.71
C LYS A 246 -2.58 -15.60 -39.55
N ASP A 247 -3.76 -15.25 -39.00
CA ASP A 247 -3.90 -14.33 -37.87
C ASP A 247 -3.55 -14.98 -36.54
N ARG A 248 -3.87 -16.29 -36.38
CA ARG A 248 -3.57 -17.10 -35.19
C ARG A 248 -2.04 -17.26 -35.08
N ILE A 249 -1.36 -17.34 -36.24
CA ILE A 249 0.10 -17.48 -36.37
C ILE A 249 0.80 -16.28 -35.72
N LEU A 250 0.40 -15.04 -36.08
CA LEU A 250 1.03 -13.86 -35.48
C LEU A 250 0.66 -13.63 -34.01
N GLU A 251 -0.51 -14.13 -33.55
CA GLU A 251 -0.94 -14.04 -32.14
C GLU A 251 0.11 -14.73 -31.26
N LEU A 252 0.55 -15.94 -31.67
CA LEU A 252 1.57 -16.75 -30.99
C LEU A 252 2.95 -16.09 -31.11
N TYR A 253 3.27 -15.52 -32.30
CA TYR A 253 4.54 -14.84 -32.60
C TYR A 253 4.75 -13.61 -31.72
N MET A 254 3.71 -12.78 -31.55
CA MET A 254 3.74 -11.55 -30.77
C MET A 254 3.84 -11.77 -29.26
N ASN A 255 3.72 -13.04 -28.82
CA ASN A 255 3.80 -13.47 -27.43
C ASN A 255 4.98 -14.45 -27.18
N GLU A 256 5.83 -14.68 -28.21
CA GLU A 256 6.96 -15.61 -28.15
C GLU A 256 8.34 -14.94 -28.24
N VAL A 257 8.50 -14.00 -29.19
CA VAL A 257 9.74 -13.26 -29.49
C VAL A 257 10.49 -12.65 -28.31
N TYR A 258 11.83 -12.89 -28.24
CA TYR A 258 12.70 -12.36 -27.19
C TYR A 258 12.92 -10.86 -27.40
N LEU A 259 12.67 -10.05 -26.36
CA LEU A 259 12.80 -8.59 -26.44
C LEU A 259 13.57 -7.90 -25.30
N GLY A 260 13.84 -8.61 -24.21
CA GLY A 260 14.56 -8.05 -23.07
C GLY A 260 15.06 -9.01 -22.02
N GLN A 261 15.85 -8.47 -21.05
CA GLN A 261 16.42 -9.24 -19.95
C GLN A 261 16.30 -8.51 -18.61
N SER A 262 15.65 -9.16 -17.63
CA SER A 262 15.45 -8.66 -16.27
C SER A 262 16.24 -9.57 -15.32
N GLY A 263 17.49 -9.19 -15.08
CA GLY A 263 18.43 -9.96 -14.28
C GLY A 263 18.81 -11.21 -15.04
N ASP A 264 18.21 -12.35 -14.64
CA ASP A 264 18.38 -13.63 -15.33
C ASP A 264 17.02 -14.25 -15.70
N ASN A 265 16.04 -13.36 -15.98
CA ASN A 265 14.66 -13.67 -16.39
C ASN A 265 14.37 -13.07 -17.77
N GLU A 266 14.10 -13.93 -18.77
CA GLU A 266 13.83 -13.53 -20.14
C GLU A 266 12.53 -12.75 -20.28
N ILE A 267 12.61 -11.54 -20.87
CA ILE A 267 11.44 -10.68 -21.13
C ILE A 267 11.06 -10.90 -22.60
N ARG A 268 10.09 -11.79 -22.84
CA ARG A 268 9.66 -12.14 -24.19
C ARG A 268 8.19 -11.89 -24.49
N GLY A 269 7.95 -11.41 -25.71
CA GLY A 269 6.63 -11.05 -26.23
C GLY A 269 6.41 -9.55 -26.18
N PHE A 270 5.70 -9.00 -27.19
CA PHE A 270 5.38 -7.58 -27.30
C PHE A 270 4.60 -6.94 -26.12
N PRO A 271 3.59 -7.61 -25.48
CA PRO A 271 2.87 -6.95 -24.38
C PRO A 271 3.70 -6.66 -23.13
N LEU A 272 4.56 -7.62 -22.71
CA LEU A 272 5.40 -7.43 -21.53
C LEU A 272 6.57 -6.49 -21.81
N ALA A 273 7.09 -6.49 -23.06
CA ALA A 273 8.20 -5.62 -23.48
C ALA A 273 7.80 -4.13 -23.47
N SER A 274 6.58 -3.82 -23.95
CA SER A 274 6.01 -2.46 -24.00
C SER A 274 5.93 -1.83 -22.61
N LEU A 275 5.58 -2.63 -21.58
CA LEU A 275 5.49 -2.19 -20.19
C LEU A 275 6.90 -2.17 -19.55
N TYR A 276 7.72 -3.22 -19.83
CA TYR A 276 9.09 -3.36 -19.31
C TYR A 276 10.05 -2.26 -19.82
N TYR A 277 9.74 -1.65 -20.97
CA TYR A 277 10.58 -0.59 -21.55
C TYR A 277 9.99 0.82 -21.45
N PHE A 278 8.68 0.97 -21.69
CA PHE A 278 8.03 2.29 -21.68
C PHE A 278 7.10 2.59 -20.49
N GLY A 279 6.49 1.54 -19.93
CA GLY A 279 5.56 1.67 -18.82
C GLY A 279 4.17 2.07 -19.31
N ARG A 280 3.75 1.46 -20.43
CA ARG A 280 2.46 1.66 -21.10
C ARG A 280 2.08 0.42 -21.94
N PRO A 281 0.78 0.05 -22.03
CA PRO A 281 0.40 -1.16 -22.79
C PRO A 281 0.74 -1.15 -24.28
N VAL A 282 0.73 -2.36 -24.89
CA VAL A 282 1.02 -2.64 -26.31
C VAL A 282 0.06 -1.89 -27.26
N GLU A 283 -1.22 -1.77 -26.86
CA GLU A 283 -2.30 -1.09 -27.57
C GLU A 283 -2.01 0.42 -27.68
N GLU A 284 -1.39 0.99 -26.63
CA GLU A 284 -1.06 2.42 -26.51
C GLU A 284 0.41 2.74 -26.84
N LEU A 285 0.97 2.05 -27.84
CA LEU A 285 2.35 2.27 -28.28
C LEU A 285 2.35 3.23 -29.48
N SER A 286 3.18 4.28 -29.43
CA SER A 286 3.33 5.23 -30.55
C SER A 286 4.19 4.56 -31.62
N LEU A 287 4.07 5.00 -32.89
CA LEU A 287 4.80 4.42 -34.03
C LEU A 287 6.31 4.30 -33.84
N ASP A 288 6.94 5.32 -33.21
CA ASP A 288 8.38 5.34 -32.89
C ASP A 288 8.72 4.23 -31.89
N GLN A 289 7.83 4.00 -30.89
CA GLN A 289 7.96 2.97 -29.86
C GLN A 289 7.65 1.59 -30.46
N GLN A 290 6.68 1.54 -31.40
CA GLN A 290 6.27 0.33 -32.12
C GLN A 290 7.43 -0.17 -33.00
N ALA A 291 8.17 0.77 -33.62
CA ALA A 291 9.33 0.52 -34.47
C ALA A 291 10.49 -0.08 -33.67
N LEU A 292 10.75 0.46 -32.45
CA LEU A 292 11.81 0.00 -31.55
C LEU A 292 11.56 -1.43 -31.09
N LEU A 293 10.30 -1.76 -30.72
CA LEU A 293 9.89 -3.09 -30.29
C LEU A 293 10.01 -4.11 -31.42
N VAL A 294 9.75 -3.68 -32.68
CA VAL A 294 9.89 -4.51 -33.88
C VAL A 294 11.39 -4.66 -34.21
N GLY A 295 12.14 -3.56 -34.09
CA GLY A 295 13.58 -3.49 -34.37
C GLY A 295 14.48 -4.34 -33.50
N MET A 296 14.08 -4.56 -32.23
CA MET A 296 14.84 -5.36 -31.26
C MET A 296 14.85 -6.86 -31.58
N VAL A 297 13.89 -7.33 -32.42
CA VAL A 297 13.73 -8.72 -32.83
C VAL A 297 14.93 -9.25 -33.65
N LEU A 311 24.10 2.73 -31.14
CA LEU A 311 23.59 1.71 -32.06
C LEU A 311 22.09 1.43 -31.89
N ALA A 312 21.58 1.57 -30.65
CA ALA A 312 20.17 1.32 -30.30
C ALA A 312 19.22 2.33 -30.96
N LEU A 313 19.64 3.63 -30.99
CA LEU A 313 18.88 4.74 -31.59
C LEU A 313 18.89 4.57 -33.11
N GLU A 314 20.04 4.10 -33.66
CA GLU A 314 20.29 3.86 -35.08
C GLU A 314 19.31 2.82 -35.65
N ARG A 315 19.10 1.70 -34.92
CA ARG A 315 18.19 0.62 -35.33
C ARG A 315 16.73 1.05 -35.30
N ARG A 316 16.35 1.96 -34.37
CA ARG A 316 14.99 2.51 -34.27
C ARG A 316 14.70 3.30 -35.56
N ASN A 317 15.67 4.16 -35.96
CA ASN A 317 15.61 4.97 -37.18
C ASN A 317 15.73 4.10 -38.44
N LEU A 318 16.42 2.93 -38.32
CA LEU A 318 16.59 1.96 -39.41
C LEU A 318 15.22 1.35 -39.76
N VAL A 319 14.39 1.05 -38.74
CA VAL A 319 13.03 0.51 -38.92
C VAL A 319 12.14 1.60 -39.51
N LEU A 320 12.31 2.86 -39.05
CA LEU A 320 11.56 4.03 -39.52
C LEU A 320 11.79 4.30 -41.00
N ARG A 321 13.05 4.16 -41.48
CA ARG A 321 13.37 4.35 -42.90
C ARG A 321 12.85 3.19 -43.78
N LEU A 322 12.80 1.96 -43.21
CA LEU A 322 12.29 0.75 -43.89
C LEU A 322 10.82 0.93 -44.24
N LEU A 323 10.02 1.48 -43.30
CA LEU A 323 8.59 1.74 -43.49
C LEU A 323 8.36 3.08 -44.19
N TYR A 334 8.66 11.38 -40.80
CA TYR A 334 9.80 10.51 -40.49
C TYR A 334 10.80 11.20 -39.56
N ASP A 335 11.29 12.39 -39.96
CA ASP A 335 12.29 13.19 -39.24
C ASP A 335 11.96 13.49 -37.78
N MET A 336 10.66 13.61 -37.44
CA MET A 336 10.17 13.83 -36.08
C MET A 336 10.46 12.60 -35.23
N LEU A 337 10.07 11.41 -35.73
CA LEU A 337 10.24 10.11 -35.06
C LEU A 337 11.71 9.74 -34.89
N SER A 338 12.57 10.10 -35.88
CA SER A 338 14.01 9.85 -35.84
C SER A 338 14.76 10.83 -34.92
N ALA A 339 14.08 11.89 -34.45
CA ALA A 339 14.64 12.90 -33.55
C ALA A 339 14.29 12.60 -32.08
N ARG A 340 13.07 12.08 -31.82
CA ARG A 340 12.53 11.73 -30.50
C ARG A 340 13.44 10.81 -29.67
N PRO A 353 11.14 -4.96 -8.17
CA PRO A 353 9.91 -4.16 -8.24
C PRO A 353 9.03 -4.35 -7.01
N GLN A 354 9.01 -3.34 -6.11
CA GLN A 354 8.30 -3.32 -4.83
C GLN A 354 8.71 -4.53 -3.94
N PRO A 355 10.01 -4.66 -3.58
CA PRO A 355 10.44 -5.85 -2.80
C PRO A 355 9.86 -5.97 -1.39
N ALA A 356 9.50 -4.84 -0.75
CA ALA A 356 8.92 -4.82 0.59
C ALA A 356 7.47 -5.32 0.56
N PHE A 357 6.61 -4.72 -0.28
CA PHE A 357 5.19 -5.07 -0.45
C PHE A 357 4.99 -6.50 -0.95
N MET A 358 5.81 -6.94 -1.93
CA MET A 358 5.71 -8.29 -2.50
C MET A 358 6.02 -9.41 -1.51
N GLN A 359 6.85 -9.14 -0.49
CA GLN A 359 7.15 -10.09 0.58
C GLN A 359 5.84 -10.50 1.25
N LEU A 360 4.99 -9.51 1.61
CA LEU A 360 3.69 -9.72 2.22
C LEU A 360 2.70 -10.43 1.27
N VAL A 361 2.73 -10.07 -0.04
CA VAL A 361 1.89 -10.66 -1.10
C VAL A 361 2.17 -12.16 -1.26
N ARG A 362 3.46 -12.53 -1.44
CA ARG A 362 3.93 -13.91 -1.60
C ARG A 362 3.66 -14.76 -0.36
N GLN A 363 3.78 -14.13 0.84
CA GLN A 363 3.52 -14.75 2.14
C GLN A 363 2.03 -15.05 2.30
N GLU A 364 1.17 -14.10 1.88
CA GLU A 364 -0.29 -14.23 1.94
C GLU A 364 -0.84 -15.23 0.89
N LEU A 365 -0.21 -15.31 -0.30
CA LEU A 365 -0.62 -16.25 -1.35
C LEU A 365 -0.42 -17.69 -0.88
N GLN A 366 0.72 -17.93 -0.18
CA GLN A 366 1.13 -19.22 0.39
C GLN A 366 0.18 -19.64 1.52
N ALA A 367 -0.22 -18.69 2.40
CA ALA A 367 -1.10 -18.95 3.53
C ALA A 367 -2.56 -19.20 3.14
N LYS A 368 -3.08 -18.46 2.14
CA LYS A 368 -4.47 -18.55 1.71
C LYS A 368 -4.79 -19.68 0.72
N LEU A 369 -3.86 -19.97 -0.22
CA LEU A 369 -4.07 -20.99 -1.25
C LEU A 369 -3.18 -22.23 -1.09
N GLY A 370 -1.89 -22.00 -0.83
CA GLY A 370 -0.90 -23.06 -0.68
C GLY A 370 0.02 -23.16 -1.89
N ASP A 371 0.39 -24.40 -2.26
CA ASP A 371 1.25 -24.69 -3.41
C ASP A 371 0.45 -24.94 -4.69
N LYS A 372 -0.88 -24.80 -4.61
CA LYS A 372 -1.83 -25.01 -5.70
C LYS A 372 -1.81 -23.94 -6.80
N VAL A 373 -1.39 -22.70 -6.44
CA VAL A 373 -1.35 -21.55 -7.35
C VAL A 373 -0.27 -21.64 -8.46
N LYS A 374 1.00 -21.80 -8.06
CA LYS A 374 2.20 -21.85 -8.92
C LYS A 374 2.13 -22.76 -10.16
N ASP A 375 1.38 -23.86 -10.09
CA ASP A 375 1.23 -24.74 -11.25
C ASP A 375 0.35 -24.11 -12.33
N LEU A 376 -0.75 -23.53 -11.90
CA LEU A 376 -1.71 -22.89 -12.81
C LEU A 376 -1.08 -21.75 -13.61
N SER A 377 -1.47 -21.64 -14.89
CA SER A 377 -0.96 -20.66 -15.84
C SER A 377 -1.82 -19.41 -15.92
N GLY A 378 -1.18 -18.28 -16.23
CA GLY A 378 -1.81 -16.96 -16.42
C GLY A 378 -2.77 -16.50 -15.33
N VAL A 379 -2.36 -16.67 -14.06
CA VAL A 379 -3.14 -16.27 -12.89
C VAL A 379 -3.10 -14.75 -12.72
N LYS A 380 -4.23 -14.14 -12.34
CA LYS A 380 -4.37 -12.70 -12.09
C LYS A 380 -4.50 -12.44 -10.59
N ILE A 381 -3.54 -11.69 -10.02
CA ILE A 381 -3.52 -11.37 -8.58
C ILE A 381 -3.84 -9.90 -8.36
N PHE A 382 -4.92 -9.65 -7.63
CA PHE A 382 -5.39 -8.29 -7.33
C PHE A 382 -5.09 -7.92 -5.88
N THR A 383 -4.20 -6.93 -5.70
CA THR A 383 -3.74 -6.45 -4.39
C THR A 383 -4.43 -5.17 -3.88
N THR A 384 -4.03 -4.76 -2.67
CA THR A 384 -4.54 -3.60 -1.95
C THR A 384 -3.61 -2.39 -2.17
N PHE A 385 -2.49 -2.62 -2.88
CA PHE A 385 -1.41 -1.70 -3.24
C PHE A 385 -1.86 -0.40 -3.88
N ASP A 386 -1.42 0.71 -3.28
CA ASP A 386 -1.72 2.08 -3.70
C ASP A 386 -0.43 2.69 -4.27
N SER A 387 -0.43 2.99 -5.58
CA SER A 387 0.70 3.59 -6.28
C SER A 387 1.00 5.01 -5.79
N VAL A 388 -0.08 5.78 -5.46
CA VAL A 388 -0.01 7.16 -4.98
C VAL A 388 0.61 7.24 -3.57
N ALA A 389 0.14 6.38 -2.64
CA ALA A 389 0.65 6.32 -1.26
C ALA A 389 2.08 5.80 -1.21
N GLN A 390 2.44 4.85 -2.09
CA GLN A 390 3.77 4.26 -2.16
C GLN A 390 4.82 5.24 -2.65
N ASP A 391 4.57 5.91 -3.80
CA ASP A 391 5.46 6.90 -4.40
C ASP A 391 5.75 8.01 -3.40
N ALA A 392 4.73 8.41 -2.62
CA ALA A 392 4.81 9.43 -1.57
C ALA A 392 5.63 8.95 -0.38
N ALA A 393 5.46 7.66 0.01
CA ALA A 393 6.20 7.06 1.14
C ALA A 393 7.66 6.82 0.77
N GLU A 394 7.93 6.42 -0.50
CA GLU A 394 9.29 6.18 -1.02
C GLU A 394 10.06 7.51 -1.03
N LYS A 395 9.43 8.58 -1.59
CA LYS A 395 9.96 9.95 -1.67
C LYS A 395 10.31 10.51 -0.28
N ALA A 396 9.43 10.28 0.71
CA ALA A 396 9.64 10.70 2.10
C ALA A 396 10.86 9.99 2.73
N ALA A 397 11.13 8.73 2.32
CA ALA A 397 12.24 7.89 2.78
C ALA A 397 13.56 8.24 2.08
N VAL A 398 13.55 8.36 0.73
CA VAL A 398 14.70 8.71 -0.13
C VAL A 398 15.21 10.14 0.14
N GLU A 399 14.31 11.08 0.50
CA GLU A 399 14.70 12.46 0.73
C GLU A 399 14.90 12.82 2.21
N GLY A 400 14.06 12.27 3.08
CA GLY A 400 14.08 12.50 4.52
C GLY A 400 15.29 11.95 5.25
N ILE A 401 15.67 10.68 4.97
CA ILE A 401 16.82 10.02 5.60
C ILE A 401 18.17 10.74 5.35
N PRO A 402 18.58 11.08 4.09
CA PRO A 402 19.85 11.80 3.91
C PRO A 402 19.82 13.21 4.48
N ALA A 403 18.62 13.85 4.53
CA ALA A 403 18.42 15.18 5.11
C ALA A 403 18.61 15.12 6.63
N LEU A 404 18.21 14.00 7.26
CA LEU A 404 18.39 13.77 8.70
C LEU A 404 19.83 13.34 9.01
N LYS A 405 20.47 12.59 8.07
CA LYS A 405 21.85 12.14 8.18
C LYS A 405 22.83 13.31 8.15
N LYS A 406 22.52 14.36 7.37
CA LYS A 406 23.36 15.55 7.26
C LYS A 406 23.14 16.52 8.42
N GLN A 407 21.90 16.62 8.94
CA GLN A 407 21.53 17.50 10.06
C GLN A 407 22.09 17.03 11.42
N ARG A 408 22.01 15.72 11.71
CA ARG A 408 22.50 15.15 12.97
C ARG A 408 23.91 14.54 12.83
N LYS A 409 24.54 14.73 11.65
CA LYS A 409 25.88 14.24 11.27
C LYS A 409 26.02 12.72 11.47
N LEU A 410 25.05 11.96 10.91
CA LEU A 410 25.00 10.50 11.02
C LEU A 410 25.65 9.79 9.85
N SER A 411 26.39 8.71 10.16
CA SER A 411 27.08 7.89 9.17
C SER A 411 26.14 6.84 8.56
N ASP A 412 25.08 6.47 9.31
CA ASP A 412 24.08 5.48 8.91
C ASP A 412 22.74 5.72 9.61
N LEU A 413 21.66 5.72 8.82
CA LEU A 413 20.28 5.88 9.29
C LEU A 413 19.32 5.14 8.38
N GLU A 414 18.33 4.45 8.96
CA GLU A 414 17.33 3.67 8.25
C GLU A 414 15.90 3.94 8.70
N THR A 415 14.94 3.63 7.82
CA THR A 415 13.51 3.85 8.05
C THR A 415 12.63 2.68 7.61
N ALA A 416 11.37 2.70 8.05
CA ALA A 416 10.32 1.75 7.72
C ALA A 416 8.95 2.47 7.78
N ILE A 417 8.15 2.35 6.71
CA ILE A 417 6.83 2.98 6.61
C ILE A 417 5.78 1.93 6.18
N VAL A 418 4.69 1.82 6.96
CA VAL A 418 3.58 0.91 6.67
C VAL A 418 2.28 1.74 6.64
N VAL A 419 1.60 1.75 5.49
CA VAL A 419 0.34 2.46 5.33
C VAL A 419 -0.76 1.41 5.15
N VAL A 420 -1.77 1.45 6.03
CA VAL A 420 -2.91 0.53 6.00
C VAL A 420 -4.23 1.32 6.03
N ASP A 421 -5.31 0.74 5.50
CA ASP A 421 -6.63 1.34 5.47
C ASP A 421 -7.20 1.41 6.90
N ARG A 422 -7.58 2.61 7.36
CA ARG A 422 -8.13 2.88 8.70
C ARG A 422 -9.23 1.85 9.10
N PHE A 423 -10.18 1.58 8.18
CA PHE A 423 -11.34 0.70 8.40
C PHE A 423 -11.25 -0.77 7.99
N SER A 424 -10.53 -1.10 6.88
CA SER A 424 -10.47 -2.48 6.39
C SER A 424 -9.16 -3.27 6.64
N GLY A 425 -8.10 -2.57 7.03
CA GLY A 425 -6.79 -3.16 7.27
C GLY A 425 -5.98 -3.44 6.02
N GLU A 426 -6.48 -3.01 4.86
CA GLU A 426 -5.83 -3.19 3.56
C GLU A 426 -4.50 -2.44 3.51
N VAL A 427 -3.42 -3.14 3.17
CA VAL A 427 -2.07 -2.57 3.14
C VAL A 427 -1.89 -1.76 1.86
N ARG A 428 -1.85 -0.44 1.98
CA ARG A 428 -1.78 0.50 0.87
C ARG A 428 -0.36 0.82 0.43
N ALA A 429 0.60 0.81 1.35
CA ALA A 429 2.02 1.09 1.07
C ALA A 429 2.94 0.44 2.10
N MET A 430 4.14 0.03 1.65
CA MET A 430 5.17 -0.57 2.47
C MET A 430 6.61 -0.21 2.05
N VAL A 431 7.34 0.47 2.96
CA VAL A 431 8.73 0.90 2.78
C VAL A 431 9.59 0.19 3.87
N GLY A 432 10.58 -0.58 3.42
CA GLY A 432 11.46 -1.32 4.32
C GLY A 432 12.88 -0.78 4.40
N GLY A 433 13.09 0.44 3.90
CA GLY A 433 14.40 1.07 3.91
C GLY A 433 14.51 2.39 3.17
N SER A 434 15.65 3.07 3.31
CA SER A 434 15.94 4.35 2.64
C SER A 434 16.10 4.18 1.12
N GLU A 435 16.37 2.93 0.68
CA GLU A 435 16.50 2.52 -0.72
C GLU A 435 15.33 1.54 -1.00
N PRO A 436 14.12 2.06 -1.32
CA PRO A 436 12.96 1.16 -1.52
C PRO A 436 12.88 0.55 -2.92
N GLN A 437 13.74 1.01 -3.85
CA GLN A 437 13.83 0.53 -5.22
C GLN A 437 14.77 -0.67 -5.25
N PHE A 438 15.88 -0.57 -4.51
CA PHE A 438 16.97 -1.55 -4.39
C PHE A 438 17.03 -2.07 -2.94
N ALA A 439 16.39 -3.22 -2.68
CA ALA A 439 16.32 -3.78 -1.32
C ALA A 439 16.27 -5.33 -1.23
N GLY A 440 16.78 -5.83 -0.10
CA GLY A 440 16.82 -7.25 0.26
C GLY A 440 16.33 -7.48 1.67
N TYR A 441 16.54 -6.50 2.58
CA TYR A 441 16.12 -6.53 3.98
C TYR A 441 14.95 -5.57 4.21
N ASN A 442 13.75 -6.13 4.41
CA ASN A 442 12.53 -5.37 4.64
C ASN A 442 12.34 -5.09 6.13
N ARG A 443 12.65 -3.84 6.53
CA ARG A 443 12.56 -3.37 7.92
C ARG A 443 11.11 -3.31 8.43
N ALA A 444 10.14 -3.10 7.52
CA ALA A 444 8.72 -3.03 7.84
C ALA A 444 8.12 -4.39 8.29
N MET A 445 8.78 -5.51 7.93
CA MET A 445 8.33 -6.86 8.28
C MET A 445 9.34 -7.67 9.13
N GLN A 446 10.63 -7.23 9.18
CA GLN A 446 11.70 -7.96 9.88
C GLN A 446 12.36 -7.24 11.06
N ALA A 447 12.45 -5.89 11.03
CA ALA A 447 13.07 -5.13 12.11
C ALA A 447 12.18 -5.06 13.37
N ARG A 448 12.38 -6.04 14.27
CA ARG A 448 11.66 -6.17 15.54
C ARG A 448 12.36 -5.27 16.53
N ARG A 449 11.68 -4.17 16.90
CA ARG A 449 12.20 -3.12 17.76
C ARG A 449 11.28 -2.80 18.91
N SER A 450 11.84 -2.28 20.01
CA SER A 450 11.12 -1.79 21.19
C SER A 450 10.25 -0.62 20.71
N ILE A 451 8.94 -0.68 21.01
CA ILE A 451 7.98 0.32 20.56
C ILE A 451 7.97 1.63 21.32
N GLY A 452 8.45 1.60 22.55
CA GLY A 452 8.51 2.78 23.42
C GLY A 452 7.16 3.30 23.81
N SER A 453 6.97 4.62 23.73
CA SER A 453 5.74 5.33 24.08
C SER A 453 4.50 5.00 23.24
N LEU A 454 4.69 4.26 22.15
CA LEU A 454 3.64 3.74 21.28
C LEU A 454 2.83 2.65 22.01
N ALA A 455 3.32 2.22 23.20
CA ALA A 455 2.69 1.22 24.08
C ALA A 455 1.69 1.89 25.00
N LYS A 456 1.87 3.21 25.25
CA LYS A 456 1.00 4.00 26.11
C LYS A 456 -0.51 3.92 25.76
N PRO A 457 -1.03 4.16 24.51
CA PRO A 457 -2.49 4.06 24.29
C PRO A 457 -3.20 2.78 24.76
N ALA A 458 -2.51 1.62 24.78
CA ALA A 458 -3.09 0.35 25.28
C ALA A 458 -3.54 0.48 26.74
N THR A 459 -2.69 1.14 27.59
CA THR A 459 -2.93 1.44 29.01
C THR A 459 -4.15 2.35 29.18
N TYR A 460 -4.27 3.42 28.37
CA TYR A 460 -5.36 4.38 28.50
C TYR A 460 -6.64 3.80 27.90
N LEU A 461 -6.51 2.97 26.84
CA LEU A 461 -7.63 2.28 26.21
C LEU A 461 -8.28 1.29 27.20
N THR A 462 -7.43 0.58 27.99
CA THR A 462 -7.86 -0.35 29.04
C THR A 462 -8.60 0.45 30.13
N ALA A 463 -8.08 1.63 30.47
CA ALA A 463 -8.65 2.51 31.47
C ALA A 463 -9.97 3.08 30.97
N LEU A 464 -9.98 3.71 29.78
CA LEU A 464 -11.17 4.32 29.17
C LEU A 464 -12.30 3.35 28.83
N SER A 465 -12.00 2.02 28.80
CA SER A 465 -12.99 0.95 28.58
C SER A 465 -13.85 0.74 29.80
N GLN A 466 -13.43 1.29 30.95
CA GLN A 466 -14.19 1.21 32.22
C GLN A 466 -14.74 2.63 32.53
N PRO A 467 -15.89 3.05 31.90
CA PRO A 467 -16.36 4.44 32.08
C PRO A 467 -16.89 4.82 33.46
N LYS A 468 -17.22 3.83 34.30
CA LYS A 468 -17.75 4.08 35.64
C LYS A 468 -16.64 4.41 36.64
N ILE A 469 -15.36 4.22 36.21
CA ILE A 469 -14.16 4.46 37.03
C ILE A 469 -13.07 5.32 36.35
N TYR A 470 -12.82 5.15 35.03
CA TYR A 470 -11.81 5.93 34.31
C TYR A 470 -12.38 6.80 33.19
N ARG A 471 -12.09 8.10 33.28
CA ARG A 471 -12.53 9.12 32.34
C ARG A 471 -11.32 9.96 31.95
N LEU A 472 -11.53 11.01 31.14
CA LEU A 472 -10.43 11.89 30.72
C LEU A 472 -9.99 12.80 31.86
N ASN A 473 -10.96 13.24 32.67
CA ASN A 473 -10.73 14.10 33.83
C ASN A 473 -10.17 13.32 35.04
N THR A 474 -10.00 11.98 34.94
CA THR A 474 -9.45 11.15 36.02
C THR A 474 -8.03 11.59 36.38
N TRP A 475 -7.84 11.93 37.65
CA TRP A 475 -6.57 12.34 38.23
C TRP A 475 -5.65 11.14 38.43
N ILE A 476 -4.42 11.25 37.91
CA ILE A 476 -3.39 10.23 38.05
C ILE A 476 -2.22 10.84 38.81
N ALA A 477 -1.76 10.15 39.88
CA ALA A 477 -0.66 10.57 40.73
C ALA A 477 0.64 10.61 39.94
N ASP A 478 1.41 11.68 40.11
CA ASP A 478 2.68 11.88 39.42
C ASP A 478 3.72 12.19 40.51
N ALA A 479 4.16 11.12 41.20
CA ALA A 479 5.12 11.17 42.31
C ALA A 479 6.19 10.05 42.21
N PRO A 480 7.39 10.19 42.84
CA PRO A 480 8.42 9.15 42.73
C PRO A 480 7.93 7.72 42.98
N ILE A 481 8.25 6.80 42.03
CA ILE A 481 7.87 5.38 42.04
C ILE A 481 9.05 4.47 42.45
N ALA A 482 8.77 3.42 43.23
CA ALA A 482 9.74 2.42 43.66
C ALA A 482 9.07 1.04 43.75
N LEU A 483 9.23 0.20 42.70
CA LEU A 483 8.62 -1.13 42.64
C LEU A 483 9.63 -2.26 42.84
N ARG A 484 9.22 -3.31 43.56
CA ARG A 484 10.05 -4.47 43.91
C ARG A 484 10.08 -5.55 42.83
N GLN A 485 11.31 -5.86 42.35
CA GLN A 485 11.57 -6.87 41.33
C GLN A 485 12.30 -8.10 41.96
N PRO A 486 12.09 -9.34 41.46
CA PRO A 486 12.82 -10.48 42.05
C PRO A 486 14.29 -10.50 41.60
N ASN A 487 15.26 -10.49 42.54
CA ASN A 487 15.08 -10.56 43.99
C ASN A 487 15.39 -9.24 44.72
N GLY A 488 16.57 -8.67 44.49
CA GLY A 488 17.03 -7.46 45.17
C GLY A 488 16.92 -6.12 44.46
N GLN A 489 16.50 -6.10 43.19
CA GLN A 489 16.41 -4.83 42.43
C GLN A 489 15.13 -4.02 42.67
N VAL A 490 15.24 -2.70 42.51
CA VAL A 490 14.14 -1.74 42.64
C VAL A 490 14.02 -0.93 41.34
N TRP A 491 12.86 -1.07 40.67
CA TRP A 491 12.55 -0.38 39.42
C TRP A 491 11.98 1.00 39.73
N SER A 492 12.76 2.05 39.44
CA SER A 492 12.35 3.44 39.66
C SER A 492 12.23 4.19 38.32
N PRO A 493 11.10 4.04 37.57
CA PRO A 493 10.97 4.76 36.30
C PRO A 493 10.76 6.25 36.52
N GLN A 494 11.29 7.03 35.58
CA GLN A 494 11.26 8.49 35.60
C GLN A 494 10.60 9.02 34.35
N ASN A 495 10.09 10.24 34.43
CA ASN A 495 9.56 10.95 33.27
C ASN A 495 10.83 11.45 32.54
N ASP A 496 10.73 11.80 31.25
CA ASP A 496 11.89 12.26 30.46
C ASP A 496 12.65 13.44 31.06
N ASP A 497 11.95 14.39 31.68
CA ASP A 497 12.58 15.54 32.31
C ASP A 497 13.02 15.25 33.75
N ARG A 498 12.78 14.01 34.24
CA ARG A 498 13.09 13.53 35.61
C ARG A 498 12.38 14.38 36.67
N ARG A 499 11.28 15.04 36.25
CA ARG A 499 10.46 15.94 37.08
C ARG A 499 9.08 15.32 37.36
N TYR A 500 8.37 15.93 38.31
CA TYR A 500 7.03 15.55 38.73
C TYR A 500 6.21 16.82 38.87
N SER A 501 4.90 16.73 38.66
CA SER A 501 3.98 17.86 38.77
C SER A 501 4.02 18.43 40.18
N GLU A 502 4.03 19.78 40.31
CA GLU A 502 4.07 20.52 41.57
C GLU A 502 2.96 20.07 42.56
N SER A 503 1.77 19.74 42.02
CA SER A 503 0.60 19.26 42.75
C SER A 503 0.67 17.76 43.04
N GLY A 504 1.57 17.05 42.37
CA GLY A 504 1.73 15.60 42.51
C GLY A 504 0.70 14.80 41.75
N ARG A 505 -0.06 15.47 40.85
CA ARG A 505 -1.11 14.84 40.06
C ARG A 505 -1.32 15.47 38.67
N VAL A 506 -1.87 14.66 37.74
CA VAL A 506 -2.20 15.06 36.37
C VAL A 506 -3.52 14.40 35.97
N MET A 507 -4.22 14.97 34.98
CA MET A 507 -5.44 14.36 34.46
C MET A 507 -5.00 13.37 33.40
N LEU A 508 -5.69 12.21 33.32
CA LEU A 508 -5.48 11.11 32.38
C LEU A 508 -5.26 11.64 30.95
N VAL A 509 -6.10 12.62 30.55
CA VAL A 509 -6.03 13.25 29.24
C VAL A 509 -4.63 13.86 28.96
N ASP A 510 -4.07 14.62 29.93
CA ASP A 510 -2.75 15.25 29.79
C ASP A 510 -1.59 14.25 29.84
N ALA A 511 -1.72 13.21 30.69
CA ALA A 511 -0.73 12.15 30.85
C ALA A 511 -0.39 11.46 29.52
N LEU A 512 -1.41 11.10 28.71
CA LEU A 512 -1.22 10.52 27.37
C LEU A 512 -0.73 11.60 26.37
N THR A 513 -1.35 12.82 26.39
CA THR A 513 -1.00 13.97 25.54
C THR A 513 0.53 14.25 25.56
N ARG A 514 1.10 14.40 26.77
CA ARG A 514 2.51 14.71 26.99
C ARG A 514 3.44 13.50 27.03
N SER A 515 2.86 12.26 27.01
CA SER A 515 3.55 10.98 27.09
C SER A 515 4.38 10.86 28.40
N MET A 516 3.72 11.15 29.53
CA MET A 516 4.27 11.13 30.88
C MET A 516 4.42 9.68 31.34
N ASN A 517 5.66 9.25 31.69
CA ASN A 517 5.98 7.88 32.07
C ASN A 517 5.43 7.44 33.43
N VAL A 518 5.74 8.21 34.49
CA VAL A 518 5.33 7.98 35.87
C VAL A 518 3.79 7.74 36.01
N PRO A 519 2.89 8.65 35.54
CA PRO A 519 1.45 8.37 35.64
C PRO A 519 0.95 7.18 34.78
N THR A 520 1.67 6.84 33.67
CA THR A 520 1.33 5.71 32.79
C THR A 520 1.55 4.38 33.53
N VAL A 521 2.61 4.30 34.35
CA VAL A 521 2.93 3.14 35.17
C VAL A 521 1.86 3.02 36.27
N ASN A 522 1.56 4.13 36.98
CA ASN A 522 0.54 4.22 38.04
C ASN A 522 -0.83 3.74 37.57
N LEU A 523 -1.23 4.12 36.34
CA LEU A 523 -2.50 3.75 35.74
C LEU A 523 -2.45 2.29 35.31
N GLY A 524 -1.39 1.91 34.59
CA GLY A 524 -1.16 0.55 34.11
C GLY A 524 -1.09 -0.49 35.22
N MET A 525 -0.48 -0.13 36.37
CA MET A 525 -0.35 -1.01 37.54
C MET A 525 -1.67 -1.11 38.30
N ALA A 526 -2.45 0.00 38.38
CA ALA A 526 -3.78 0.00 39.04
C ALA A 526 -4.76 -0.88 38.27
N LEU A 527 -4.62 -0.95 36.93
CA LEU A 527 -5.48 -1.79 36.08
C LEU A 527 -4.99 -3.23 36.15
N GLY A 528 -3.67 -3.38 36.30
CA GLY A 528 -2.99 -4.66 36.33
C GLY A 528 -2.52 -5.03 34.94
N LEU A 529 -1.29 -5.56 34.86
CA LEU A 529 -0.66 -6.00 33.61
C LEU A 529 -1.51 -7.03 32.82
N PRO A 530 -2.19 -8.05 33.43
CA PRO A 530 -3.02 -8.97 32.61
C PRO A 530 -4.18 -8.29 31.90
N ALA A 531 -4.74 -7.18 32.46
CA ALA A 531 -5.83 -6.41 31.83
C ALA A 531 -5.30 -5.66 30.61
N VAL A 532 -4.13 -5.01 30.75
CA VAL A 532 -3.45 -4.25 29.69
C VAL A 532 -2.94 -5.22 28.59
N THR A 533 -2.47 -6.43 28.98
CA THR A 533 -1.98 -7.49 28.06
C THR A 533 -3.14 -8.03 27.20
N GLU A 534 -4.35 -8.13 27.78
CA GLU A 534 -5.56 -8.59 27.11
C GLU A 534 -5.99 -7.62 25.99
N THR A 535 -5.87 -6.29 26.25
CA THR A 535 -6.15 -5.21 25.29
C THR A 535 -5.26 -5.40 24.05
N TRP A 536 -3.96 -5.65 24.26
CA TRP A 536 -2.97 -5.93 23.20
C TRP A 536 -3.37 -7.12 22.31
N ILE A 537 -3.86 -8.21 22.94
CA ILE A 537 -4.34 -9.43 22.25
C ILE A 537 -5.49 -9.06 21.31
N LYS A 538 -6.43 -8.25 21.81
CA LYS A 538 -7.60 -7.74 21.09
C LYS A 538 -7.15 -6.78 19.98
N LEU A 539 -6.04 -6.02 20.19
CA LEU A 539 -5.47 -5.11 19.19
C LEU A 539 -4.78 -5.87 18.04
N GLY A 540 -4.54 -7.17 18.23
CA GLY A 540 -4.01 -8.07 17.20
C GLY A 540 -2.51 -8.21 17.05
N VAL A 541 -1.74 -7.91 18.11
CA VAL A 541 -0.28 -8.04 18.14
C VAL A 541 0.09 -9.52 18.42
N PRO A 542 1.28 -10.02 18.03
CA PRO A 542 1.61 -11.42 18.31
C PRO A 542 1.69 -11.77 19.81
N LYS A 543 0.91 -12.79 20.20
CA LYS A 543 0.77 -13.33 21.55
C LYS A 543 2.11 -13.74 22.19
N ASP A 544 3.03 -14.31 21.39
CA ASP A 544 4.35 -14.76 21.84
C ASP A 544 5.38 -13.64 22.13
N GLN A 545 4.98 -12.37 21.86
CA GLN A 545 5.81 -11.17 22.07
C GLN A 545 5.40 -10.41 23.34
N LEU A 546 4.27 -10.79 23.93
CA LEU A 546 3.73 -10.17 25.14
C LEU A 546 4.27 -10.80 26.43
N HIS A 547 5.12 -10.07 27.15
CA HIS A 547 5.70 -10.49 28.42
C HIS A 547 5.12 -9.53 29.47
N PRO A 548 4.14 -9.98 30.31
CA PRO A 548 3.48 -9.04 31.23
C PRO A 548 4.24 -8.66 32.51
N VAL A 549 5.19 -7.72 32.37
CA VAL A 549 6.01 -7.17 33.47
C VAL A 549 5.77 -5.64 33.54
N PRO A 550 6.12 -4.92 34.65
CA PRO A 550 5.86 -3.46 34.69
C PRO A 550 6.47 -2.66 33.55
N ALA A 551 7.63 -3.09 33.02
CA ALA A 551 8.34 -2.46 31.90
C ALA A 551 7.53 -2.46 30.58
N MET A 552 6.55 -3.38 30.44
CA MET A 552 5.67 -3.54 29.27
C MET A 552 4.90 -2.25 29.00
N LEU A 553 4.41 -1.63 30.10
CA LEU A 553 3.64 -0.36 30.10
C LEU A 553 4.42 0.77 29.46
N LEU A 554 5.77 0.76 29.58
CA LEU A 554 6.63 1.80 29.01
C LEU A 554 7.17 1.55 27.60
N GLY A 555 7.17 0.28 27.15
CA GLY A 555 7.61 -0.07 25.81
C GLY A 555 8.51 -1.26 25.67
N ALA A 556 8.50 -2.18 26.65
CA ALA A 556 9.29 -3.41 26.59
C ALA A 556 8.46 -4.44 25.82
N LEU A 557 8.16 -4.10 24.55
CA LEU A 557 7.37 -4.87 23.61
C LEU A 557 7.98 -4.66 22.24
N ASN A 558 8.71 -5.69 21.76
CA ASN A 558 9.43 -5.71 20.50
C ASN A 558 8.52 -6.19 19.38
N LEU A 559 8.19 -5.26 18.47
CA LEU A 559 7.28 -5.50 17.35
C LEU A 559 7.85 -4.97 16.04
N THR A 560 7.34 -5.46 14.91
CA THR A 560 7.73 -4.95 13.61
C THR A 560 6.74 -3.81 13.25
N PRO A 561 7.06 -2.86 12.33
CA PRO A 561 6.08 -1.81 11.99
C PRO A 561 4.71 -2.32 11.52
N ILE A 562 4.64 -3.50 10.84
CA ILE A 562 3.37 -4.09 10.38
C ILE A 562 2.44 -4.53 11.56
N GLU A 563 3.05 -5.10 12.63
CA GLU A 563 2.36 -5.55 13.85
C GLU A 563 1.86 -4.36 14.66
N VAL A 564 2.61 -3.23 14.63
CA VAL A 564 2.24 -1.96 15.24
C VAL A 564 1.07 -1.37 14.44
N ALA A 565 1.12 -1.50 13.08
CA ALA A 565 0.07 -1.01 12.16
C ALA A 565 -1.26 -1.69 12.42
N GLN A 566 -1.23 -2.99 12.78
CA GLN A 566 -2.41 -3.79 13.12
C GLN A 566 -3.06 -3.26 14.41
N ALA A 567 -2.24 -3.01 15.45
CA ALA A 567 -2.64 -2.51 16.78
C ALA A 567 -3.30 -1.15 16.71
N PHE A 568 -2.69 -0.22 15.95
CA PHE A 568 -3.20 1.12 15.75
C PHE A 568 -4.42 1.20 14.83
N GLN A 569 -4.56 0.27 13.87
CA GLN A 569 -5.72 0.19 12.95
C GLN A 569 -6.99 -0.11 13.77
N THR A 570 -6.88 -1.06 14.73
CA THR A 570 -7.93 -1.49 15.66
C THR A 570 -8.51 -0.29 16.45
N ILE A 571 -7.65 0.64 16.92
CA ILE A 571 -8.08 1.85 17.66
C ILE A 571 -8.70 2.85 16.67
N ALA A 572 -8.03 3.03 15.50
CA ALA A 572 -8.42 3.96 14.45
C ALA A 572 -9.75 3.67 13.78
N SER A 573 -10.14 2.38 13.62
CA SER A 573 -11.41 2.01 12.97
C SER A 573 -12.65 2.31 13.86
N GLY A 574 -12.40 2.59 15.14
CA GLY A 574 -13.44 2.83 16.13
C GLY A 574 -13.62 1.64 17.07
N GLY A 575 -12.59 0.79 17.13
CA GLY A 575 -12.61 -0.40 17.99
C GLY A 575 -12.97 -1.69 17.27
N ASN A 576 -12.56 -1.84 15.99
CA ASN A 576 -12.78 -3.03 15.16
C ASN A 576 -11.45 -3.50 14.61
N ARG A 577 -11.04 -4.71 14.99
CA ARG A 577 -9.79 -5.33 14.54
C ARG A 577 -10.02 -5.96 13.16
N ALA A 578 -9.52 -5.29 12.11
CA ALA A 578 -9.60 -5.80 10.75
C ALA A 578 -8.22 -6.40 10.40
N PRO A 579 -8.07 -7.74 10.40
CA PRO A 579 -6.76 -8.33 10.11
C PRO A 579 -6.20 -7.85 8.76
N LEU A 580 -5.01 -7.22 8.82
CA LEU A 580 -4.30 -6.64 7.68
C LEU A 580 -4.13 -7.61 6.52
N SER A 581 -4.39 -7.13 5.30
CA SER A 581 -4.31 -7.95 4.10
C SER A 581 -3.72 -7.20 2.94
N ALA A 582 -2.99 -7.92 2.10
CA ALA A 582 -2.39 -7.43 0.87
C ALA A 582 -3.21 -7.93 -0.32
N LEU A 583 -3.98 -9.03 -0.15
CA LEU A 583 -4.76 -9.67 -1.21
C LEU A 583 -6.25 -9.35 -1.25
N ARG A 584 -6.72 -8.91 -2.43
CA ARG A 584 -8.13 -8.63 -2.68
C ARG A 584 -8.76 -9.86 -3.35
N SER A 585 -8.09 -10.40 -4.41
CA SER A 585 -8.56 -11.58 -5.15
C SER A 585 -7.45 -12.28 -5.96
N VAL A 586 -7.67 -13.58 -6.25
CA VAL A 586 -6.80 -14.45 -7.05
C VAL A 586 -7.73 -15.08 -8.10
N ILE A 587 -7.51 -14.75 -9.38
CA ILE A 587 -8.35 -15.22 -10.50
C ILE A 587 -7.53 -16.06 -11.49
N ALA A 588 -8.11 -17.18 -11.95
CA ALA A 588 -7.52 -18.08 -12.94
C ALA A 588 -7.70 -17.49 -14.36
N GLU A 589 -6.95 -18.01 -15.36
CA GLU A 589 -7.02 -17.56 -16.76
C GLU A 589 -8.42 -17.74 -17.37
N ASP A 590 -9.14 -18.80 -16.94
CA ASP A 590 -10.51 -19.14 -17.38
C ASP A 590 -11.59 -18.37 -16.59
N GLY A 591 -11.18 -17.31 -15.89
CA GLY A 591 -12.04 -16.44 -15.09
C GLY A 591 -12.53 -17.02 -13.78
N LYS A 592 -12.01 -18.20 -13.37
CA LYS A 592 -12.40 -18.88 -12.14
C LYS A 592 -11.83 -18.19 -10.89
N VAL A 593 -12.71 -17.89 -9.92
CA VAL A 593 -12.34 -17.24 -8.65
C VAL A 593 -11.68 -18.27 -7.75
N LEU A 594 -10.34 -18.20 -7.62
CA LEU A 594 -9.56 -19.11 -6.78
C LEU A 594 -9.64 -18.65 -5.33
N TYR A 595 -9.54 -17.32 -5.09
CA TYR A 595 -9.64 -16.69 -3.78
C TYR A 595 -10.32 -15.32 -3.86
N GLN A 596 -11.23 -15.05 -2.92
CA GLN A 596 -11.97 -13.79 -2.82
C GLN A 596 -11.97 -13.29 -1.37
N SER A 597 -11.55 -12.04 -1.17
CA SER A 597 -11.53 -11.40 0.14
C SER A 597 -12.93 -10.94 0.52
N PHE A 598 -13.25 -11.05 1.82
CA PHE A 598 -14.52 -10.66 2.42
C PHE A 598 -14.22 -9.95 3.76
N PRO A 599 -15.03 -8.97 4.22
CA PRO A 599 -14.73 -8.33 5.51
C PRO A 599 -14.86 -9.30 6.69
N GLN A 600 -13.83 -9.31 7.55
CA GLN A 600 -13.76 -10.16 8.74
C GLN A 600 -13.28 -9.35 9.96
N ALA A 601 -13.84 -8.14 10.10
CA ALA A 601 -13.56 -7.23 11.21
C ALA A 601 -14.16 -7.82 12.48
N GLU A 602 -13.46 -7.65 13.61
CA GLU A 602 -13.92 -8.14 14.89
C GLU A 602 -13.90 -7.02 15.91
N ARG A 603 -15.01 -6.87 16.64
CA ARG A 603 -15.16 -5.89 17.71
C ARG A 603 -14.23 -6.30 18.87
N ALA A 604 -13.09 -5.60 18.98
CA ALA A 604 -12.05 -5.88 19.97
C ALA A 604 -12.21 -5.08 21.27
N VAL A 605 -12.30 -3.74 21.15
CA VAL A 605 -12.47 -2.84 22.29
C VAL A 605 -13.76 -2.03 22.07
N PRO A 606 -14.39 -1.42 23.11
CA PRO A 606 -15.61 -0.65 22.84
C PRO A 606 -15.34 0.61 22.04
N ALA A 607 -16.30 0.99 21.17
CA ALA A 607 -16.26 2.15 20.27
C ALA A 607 -16.00 3.48 20.99
N GLN A 608 -16.54 3.63 22.19
CA GLN A 608 -16.42 4.82 23.03
C GLN A 608 -15.02 4.99 23.59
N ALA A 609 -14.41 3.90 24.10
CA ALA A 609 -13.04 3.90 24.61
C ALA A 609 -12.05 4.21 23.50
N ALA A 610 -12.26 3.62 22.30
CA ALA A 610 -11.44 3.85 21.11
C ALA A 610 -11.55 5.34 20.64
N TYR A 611 -12.76 5.93 20.70
CA TYR A 611 -13.00 7.34 20.34
C TYR A 611 -12.27 8.28 21.31
N LEU A 612 -12.43 8.04 22.62
CA LEU A 612 -11.83 8.83 23.70
C LEU A 612 -10.30 8.83 23.65
N THR A 613 -9.69 7.71 23.22
CA THR A 613 -8.25 7.49 23.03
C THR A 613 -7.80 8.26 21.77
N LEU A 614 -8.60 8.20 20.67
CA LEU A 614 -8.37 8.89 19.38
C LEU A 614 -8.43 10.42 19.54
N TRP A 615 -9.42 10.91 20.32
CA TRP A 615 -9.62 12.33 20.63
C TRP A 615 -8.42 12.83 21.45
N THR A 616 -7.90 11.97 22.36
CA THR A 616 -6.72 12.24 23.20
C THR A 616 -5.46 12.24 22.32
N MET A 617 -5.42 11.34 21.30
CA MET A 617 -4.34 11.27 20.32
C MET A 617 -4.35 12.52 19.39
N GLN A 618 -5.48 13.23 19.33
CA GLN A 618 -5.58 14.46 18.54
C GLN A 618 -4.92 15.59 19.31
N GLN A 619 -4.93 15.47 20.65
CA GLN A 619 -4.35 16.41 21.59
C GLN A 619 -2.84 16.34 21.60
N VAL A 620 -2.26 15.14 21.39
CA VAL A 620 -0.80 14.96 21.31
C VAL A 620 -0.25 15.71 20.09
N VAL A 621 -0.96 15.61 18.95
CA VAL A 621 -0.61 16.25 17.68
C VAL A 621 -0.81 17.77 17.75
N GLN A 622 -1.87 18.21 18.43
CA GLN A 622 -2.17 19.64 18.51
C GLN A 622 -1.43 20.40 19.61
N ARG A 623 -1.31 19.81 20.82
CA ARG A 623 -0.72 20.51 21.98
C ARG A 623 0.38 19.75 22.76
N GLY A 624 0.52 18.44 22.53
CA GLY A 624 1.50 17.59 23.20
C GLY A 624 2.75 17.31 22.39
N THR A 625 3.34 16.12 22.55
CA THR A 625 4.59 15.66 21.89
C THR A 625 4.67 15.83 20.36
N GLY A 626 3.54 15.71 19.66
CA GLY A 626 3.48 15.85 18.21
C GLY A 626 3.02 17.21 17.73
N ARG A 627 3.20 18.26 18.56
CA ARG A 627 2.79 19.63 18.28
C ARG A 627 3.33 20.28 17.00
N GLN A 628 4.52 19.86 16.53
CA GLN A 628 5.09 20.39 15.29
C GLN A 628 4.33 19.98 14.03
N LEU A 629 3.61 18.84 14.07
CA LEU A 629 2.77 18.36 12.97
C LEU A 629 1.46 19.13 12.97
N GLY A 630 0.87 19.27 14.15
CA GLY A 630 -0.39 19.99 14.39
C GLY A 630 -0.38 21.45 13.98
N ALA A 631 0.81 22.10 14.03
CA ALA A 631 0.99 23.49 13.61
C ALA A 631 1.05 23.59 12.07
N LYS A 632 1.66 22.57 11.40
CA LYS A 632 1.82 22.46 9.95
C LYS A 632 0.54 22.01 9.24
N TYR A 633 -0.21 21.09 9.87
CA TYR A 633 -1.47 20.58 9.31
C TYR A 633 -2.67 20.69 10.31
N PRO A 634 -3.05 21.89 10.81
CA PRO A 634 -4.15 21.97 11.78
C PRO A 634 -5.55 21.51 11.32
N ASN A 635 -5.87 21.67 10.02
CA ASN A 635 -7.16 21.27 9.46
C ASN A 635 -7.37 19.77 9.27
N LEU A 636 -6.28 18.98 9.26
CA LEU A 636 -6.31 17.52 9.10
C LEU A 636 -6.76 16.81 10.39
N HIS A 637 -6.63 17.50 11.56
CA HIS A 637 -6.99 17.03 12.90
C HIS A 637 -6.49 15.59 13.19
N LEU A 638 -5.21 15.30 12.83
CA LEU A 638 -4.58 13.99 12.99
C LEU A 638 -4.59 13.52 14.43
N ALA A 639 -4.73 12.20 14.60
CA ALA A 639 -4.64 11.48 15.87
C ALA A 639 -3.30 10.77 15.76
N GLY A 640 -2.40 11.07 16.68
CA GLY A 640 -1.06 10.51 16.64
C GLY A 640 -0.48 10.18 17.99
N LYS A 641 0.72 9.56 17.96
CA LYS A 641 1.49 9.13 19.11
C LYS A 641 2.95 8.99 18.67
N THR A 642 3.86 9.62 19.45
CA THR A 642 5.30 9.58 19.20
C THR A 642 5.90 8.46 20.04
N GLY A 643 7.05 7.98 19.61
CA GLY A 643 7.81 6.96 20.30
C GLY A 643 9.26 7.34 20.31
N THR A 644 9.91 7.27 21.48
CA THR A 644 11.35 7.55 21.67
C THR A 644 11.88 6.63 22.75
N THR A 645 12.47 5.49 22.33
CA THR A 645 13.04 4.51 23.25
C THR A 645 14.24 5.07 24.00
N ASN A 646 14.68 4.37 25.06
CA ASN A 646 15.81 4.80 25.89
C ASN A 646 17.09 4.87 25.08
N ASN A 647 17.85 5.97 25.26
CA ASN A 647 19.12 6.29 24.60
C ASN A 647 18.96 6.63 23.10
N ASN A 648 17.79 7.17 22.71
CA ASN A 648 17.43 7.59 21.35
C ASN A 648 17.74 6.52 20.26
N VAL A 649 17.59 5.22 20.61
CA VAL A 649 17.88 4.13 19.67
C VAL A 649 16.79 3.92 18.60
N ASP A 650 15.55 4.33 18.91
CA ASP A 650 14.38 4.20 18.03
C ASP A 650 13.44 5.37 18.16
N THR A 651 13.01 5.90 17.00
CA THR A 651 12.04 6.98 16.89
C THR A 651 10.85 6.40 16.14
N TRP A 652 9.67 6.48 16.74
CA TRP A 652 8.42 5.96 16.19
C TRP A 652 7.37 7.03 16.08
N PHE A 653 6.47 6.87 15.10
CA PHE A 653 5.32 7.73 14.91
C PHE A 653 4.15 6.95 14.33
N ALA A 654 2.98 7.07 14.99
CA ALA A 654 1.75 6.40 14.59
C ALA A 654 0.72 7.46 14.22
N GLY A 655 0.67 7.78 12.93
CA GLY A 655 -0.22 8.80 12.39
C GLY A 655 -1.53 8.28 11.81
N ILE A 656 -2.65 8.91 12.22
CA ILE A 656 -3.99 8.55 11.76
C ILE A 656 -4.70 9.74 11.07
N ASP A 657 -5.09 9.57 9.79
CA ASP A 657 -5.87 10.58 9.04
C ASP A 657 -7.32 10.05 8.85
N GLY A 658 -8.09 10.68 7.96
CA GLY A 658 -9.46 10.27 7.70
C GLY A 658 -9.60 8.91 7.04
N SER A 659 -8.58 8.47 6.27
CA SER A 659 -8.60 7.21 5.53
C SER A 659 -7.51 6.17 5.88
N THR A 660 -6.35 6.61 6.37
CA THR A 660 -5.22 5.71 6.61
C THR A 660 -4.57 5.80 7.98
N VAL A 661 -3.90 4.71 8.35
CA VAL A 661 -3.10 4.54 9.56
C VAL A 661 -1.69 4.33 9.04
N THR A 662 -0.78 5.24 9.41
CA THR A 662 0.62 5.19 8.99
C THR A 662 1.54 5.03 10.20
N ILE A 663 2.43 4.03 10.14
CA ILE A 663 3.41 3.75 11.17
C ILE A 663 4.77 4.05 10.56
N THR A 664 5.51 4.94 11.21
CA THR A 664 6.84 5.30 10.79
C THR A 664 7.86 4.91 11.88
N TRP A 665 8.98 4.32 11.47
CA TRP A 665 10.09 3.97 12.35
C TRP A 665 11.36 4.50 11.70
N VAL A 666 12.18 5.20 12.49
CA VAL A 666 13.46 5.74 12.08
C VAL A 666 14.45 5.37 13.17
N GLY A 667 15.49 4.64 12.79
CA GLY A 667 16.53 4.16 13.69
C GLY A 667 17.69 3.56 12.94
N ARG A 668 18.64 2.97 13.68
CA ARG A 668 19.85 2.38 13.13
C ARG A 668 19.84 0.86 13.24
N ASP A 669 20.32 0.16 12.19
CA ASP A 669 20.38 -1.31 12.11
C ASP A 669 21.33 -1.94 13.13
N ASN A 670 22.18 -1.09 13.75
CA ASN A 670 23.15 -1.46 14.77
C ASN A 670 22.66 -1.14 16.20
N ASN A 671 21.34 -0.81 16.34
CA ASN A 671 20.65 -0.48 17.60
C ASN A 671 21.44 0.56 18.42
N GLN A 672 21.79 1.67 17.76
CA GLN A 672 22.61 2.72 18.37
C GLN A 672 21.99 4.11 18.39
N PRO A 673 22.52 5.08 19.20
CA PRO A 673 21.90 6.42 19.26
C PRO A 673 21.79 7.14 17.92
N THR A 674 20.60 7.74 17.69
CA THR A 674 20.24 8.45 16.47
C THR A 674 20.24 9.97 16.64
N LYS A 675 20.43 10.46 17.89
CA LYS A 675 20.42 11.89 18.27
C LYS A 675 19.03 12.52 17.95
N LEU A 676 18.03 11.66 17.68
CA LEU A 676 16.68 12.04 17.30
C LEU A 676 15.64 11.63 18.32
N TYR A 677 14.47 12.27 18.22
CA TYR A 677 13.29 12.03 19.06
C TYR A 677 12.16 11.60 18.13
N GLY A 678 11.03 11.20 18.71
CA GLY A 678 9.85 10.78 17.96
C GLY A 678 9.38 11.86 17.01
N ALA A 679 9.33 13.11 17.49
CA ALA A 679 8.93 14.31 16.77
C ALA A 679 9.92 14.73 15.67
N SER A 680 11.23 14.60 15.94
CA SER A 680 12.30 14.99 15.02
C SER A 680 12.72 13.89 14.01
N GLY A 681 12.51 12.64 14.38
CA GLY A 681 12.86 11.49 13.55
C GLY A 681 11.73 11.02 12.66
N ALA A 682 11.01 9.97 13.12
CA ALA A 682 9.90 9.30 12.42
C ALA A 682 8.77 10.25 11.97
N MET A 683 8.42 11.24 12.82
CA MET A 683 7.37 12.20 12.52
C MET A 683 7.74 13.11 11.34
N SER A 684 9.04 13.48 11.21
CA SER A 684 9.56 14.30 10.09
C SER A 684 9.38 13.56 8.75
N ILE A 685 9.47 12.22 8.78
CA ILE A 685 9.27 11.37 7.61
C ILE A 685 7.76 11.34 7.27
N TYR A 686 6.89 11.34 8.30
CA TYR A 686 5.45 11.35 8.13
C TYR A 686 4.95 12.69 7.55
N GLN A 687 5.52 13.81 7.97
CA GLN A 687 5.13 15.10 7.39
C GLN A 687 5.43 15.14 5.89
N ARG A 688 6.62 14.72 5.53
CA ARG A 688 7.08 14.67 4.14
C ARG A 688 6.13 13.77 3.36
N TYR A 689 5.74 12.62 3.97
CA TYR A 689 4.78 11.68 3.40
C TYR A 689 3.43 12.38 3.20
N LEU A 690 3.02 13.25 4.16
CA LEU A 690 1.76 14.02 4.07
C LEU A 690 1.84 15.10 2.99
N ALA A 691 3.02 15.74 2.82
CA ALA A 691 3.28 16.79 1.83
C ALA A 691 3.39 16.21 0.42
N ASN A 692 3.91 14.96 0.29
CA ASN A 692 4.08 14.24 -0.98
C ASN A 692 2.79 13.71 -1.61
N GLN A 693 1.65 13.89 -0.93
CA GLN A 693 0.31 13.48 -1.39
C GLN A 693 -0.78 14.44 -0.86
N THR A 694 -2.07 14.08 -1.00
CA THR A 694 -3.17 14.88 -0.47
C THR A 694 -3.92 14.01 0.56
N PRO A 695 -3.70 14.27 1.87
CA PRO A 695 -4.34 13.43 2.89
C PRO A 695 -5.80 13.83 3.18
N THR A 696 -6.55 12.89 3.79
CA THR A 696 -7.96 13.04 4.15
C THR A 696 -8.06 13.59 5.57
N PRO A 697 -8.77 14.72 5.81
CA PRO A 697 -8.90 15.23 7.18
C PRO A 697 -9.60 14.23 8.11
N LEU A 698 -9.17 14.18 9.38
CA LEU A 698 -9.77 13.30 10.38
C LEU A 698 -10.85 14.04 11.13
N ASN A 699 -12.10 13.72 10.81
CA ASN A 699 -13.24 14.31 11.50
C ASN A 699 -13.85 13.17 12.31
N LEU A 700 -13.54 13.14 13.60
CA LEU A 700 -14.02 12.08 14.47
C LEU A 700 -15.49 12.23 14.63
N VAL A 701 -16.23 11.22 14.17
CA VAL A 701 -17.66 11.15 14.31
C VAL A 701 -17.82 10.50 15.68
N PRO A 702 -18.45 11.21 16.65
CA PRO A 702 -18.58 10.62 17.99
C PRO A 702 -19.55 9.44 17.99
N PRO A 703 -19.19 8.32 18.64
CA PRO A 703 -20.13 7.19 18.69
C PRO A 703 -21.22 7.48 19.72
N GLU A 704 -22.09 6.50 19.94
CA GLU A 704 -23.22 6.59 20.85
C GLU A 704 -22.73 6.76 22.29
N ASP A 705 -23.51 7.50 23.11
CA ASP A 705 -23.27 7.82 24.51
C ASP A 705 -22.02 8.66 24.75
N ILE A 706 -21.79 9.64 23.87
CA ILE A 706 -20.68 10.57 24.01
C ILE A 706 -21.25 11.95 24.23
N ALA A 707 -20.93 12.53 25.37
CA ALA A 707 -21.38 13.86 25.76
C ALA A 707 -20.23 14.73 26.19
N ASP A 708 -20.15 15.90 25.58
CA ASP A 708 -19.12 16.90 25.89
C ASP A 708 -19.46 17.52 27.26
N MET A 709 -18.56 17.38 28.23
CA MET A 709 -18.80 17.87 29.59
C MET A 709 -17.78 18.86 30.08
N GLY A 710 -18.26 19.83 30.85
CA GLY A 710 -17.44 20.89 31.44
C GLY A 710 -16.91 20.56 32.82
N VAL A 711 -15.61 20.84 33.04
CA VAL A 711 -14.91 20.62 34.31
C VAL A 711 -14.29 21.92 34.83
N ASP A 712 -14.25 22.07 36.17
CA ASP A 712 -13.63 23.20 36.85
C ASP A 712 -12.11 22.97 36.92
N TYR A 713 -11.31 23.95 37.43
CA TYR A 713 -9.85 23.80 37.54
C TYR A 713 -9.41 22.59 38.39
N ASP A 714 -10.26 22.19 39.35
CA ASP A 714 -10.09 21.04 40.25
C ASP A 714 -10.39 19.67 39.54
N GLY A 715 -10.97 19.72 38.35
CA GLY A 715 -11.27 18.55 37.52
C GLY A 715 -12.63 17.92 37.76
N ASN A 716 -13.53 18.63 38.44
CA ASN A 716 -14.86 18.15 38.78
C ASN A 716 -15.87 18.61 37.76
N PHE A 717 -16.76 17.70 37.33
CA PHE A 717 -17.80 17.96 36.34
C PHE A 717 -18.76 19.04 36.85
N VAL A 718 -19.07 20.00 35.98
CA VAL A 718 -19.99 21.11 36.28
C VAL A 718 -21.13 21.10 35.25
N CYS A 719 -22.34 21.41 35.73
CA CYS A 719 -23.60 21.47 34.97
C CYS A 719 -23.50 22.41 33.77
N SER A 720 -23.23 23.69 34.05
CA SER A 720 -23.08 24.73 33.04
C SER A 720 -21.71 25.37 33.22
N GLY A 721 -21.01 25.53 32.11
CA GLY A 721 -19.69 26.14 32.12
C GLY A 721 -18.56 25.17 32.39
N GLY A 722 -17.47 25.70 32.92
CA GLY A 722 -16.25 24.98 33.19
C GLY A 722 -15.13 25.48 32.28
N MET A 723 -13.90 25.53 32.81
CA MET A 723 -12.72 26.00 32.06
C MET A 723 -12.19 25.02 31.02
N ARG A 724 -12.75 23.79 30.98
CA ARG A 724 -12.32 22.72 30.06
C ARG A 724 -13.51 21.86 29.66
N ILE A 725 -13.64 21.56 28.35
CA ILE A 725 -14.71 20.71 27.81
C ILE A 725 -14.09 19.39 27.33
N LEU A 726 -14.51 18.29 27.95
CA LEU A 726 -13.99 16.95 27.61
C LEU A 726 -15.13 16.00 27.18
N PRO A 727 -14.95 15.20 26.10
CA PRO A 727 -15.98 14.20 25.75
C PRO A 727 -16.03 13.09 26.82
N VAL A 728 -17.25 12.64 27.21
CA VAL A 728 -17.45 11.62 28.25
C VAL A 728 -18.37 10.48 27.77
N TRP A 729 -17.98 9.21 28.06
CA TRP A 729 -18.76 8.03 27.72
C TRP A 729 -19.86 7.91 28.79
N THR A 730 -21.04 8.49 28.48
CA THR A 730 -22.20 8.54 29.37
C THR A 730 -23.50 8.73 28.57
N SER A 731 -24.56 7.98 28.96
CA SER A 731 -25.90 8.00 28.35
C SER A 731 -26.84 9.02 29.05
N ASP A 732 -26.40 9.56 30.19
CA ASP A 732 -27.12 10.57 30.96
C ASP A 732 -26.04 11.46 31.60
N PRO A 733 -25.66 12.60 30.96
CA PRO A 733 -24.58 13.44 31.53
C PRO A 733 -24.78 13.94 32.95
N GLN A 734 -25.92 13.61 33.61
CA GLN A 734 -26.14 14.03 35.00
C GLN A 734 -25.25 13.37 36.05
N SER A 735 -24.01 13.12 35.62
CA SER A 735 -22.84 12.70 36.36
C SER A 735 -22.42 14.00 37.08
N LEU A 736 -22.68 15.15 36.39
CA LEU A 736 -22.47 16.53 36.85
C LEU A 736 -23.20 16.85 38.17
N CYS A 737 -24.48 16.42 38.31
CA CYS A 737 -25.32 16.62 39.50
C CYS A 737 -24.71 15.91 40.70
N GLN A 738 -24.30 14.65 40.49
CA GLN A 738 -23.66 13.77 41.47
C GLN A 738 -22.31 14.35 41.90
N GLN A 739 -21.57 14.96 40.95
CA GLN A 739 -20.27 15.58 41.15
C GLN A 739 -20.37 16.92 41.92
N SER A 740 -21.34 17.79 41.52
CA SER A 740 -21.56 19.11 42.11
C SER A 740 -21.99 19.12 43.59
N GLU A 741 -22.51 17.99 44.09
CA GLU A 741 -22.95 17.84 45.48
C GLU A 741 -21.86 17.22 46.36
OAU 63V B . 8.66 10.84 21.85
CAK 63V B . 7.99 10.89 22.91
OAV 63V B . 6.75 11.01 22.89
CAD 63V B . 8.66 10.77 24.24
NAC 63V B . 8.12 9.80 25.07
CAE 63V B . 9.89 11.40 24.55
CAJ 63V B . 9.95 12.86 24.11
CAF 63V B . 10.44 11.29 25.87
SAA 63V B . 9.36 10.56 27.15
CB 63V B . 9.10 9.22 25.92
CA 63V B . 8.86 7.83 26.38
C 63V B . 8.35 6.97 25.43
O 63V B . 8.84 6.89 24.30
N 63V B . 10.26 7.48 26.46
CAM 63V B . 11.04 7.39 27.69
OAO 63V B . 10.57 7.65 28.76
CAN 63V B . 12.53 7.00 27.58
CAP 63V B . 13.27 8.24 27.11
SAT 63V B . 13.45 9.64 28.04
CAS 63V B . 14.34 10.53 26.82
CAR 63V B . 14.50 9.67 25.67
CAQ 63V B . 13.87 8.37 25.87
ODF M0E C . 18.99 -20.68 -38.31
CDG M0E C . 19.79 -19.79 -38.07
CDH M0E C . 19.65 -18.59 -39.25
ODI M0E C . 20.50 -17.81 -39.39
ODJ M0E C . 18.60 -18.54 -40.00
CDK M0E C . 19.49 -19.26 -36.85
OBF M0E C . 20.59 -18.56 -36.39
PBI M0E C . 20.37 -17.15 -35.53
OBB M0E C . 21.65 -16.52 -35.29
OAZ M0E C . 19.71 -17.48 -34.15
OBG M0E C . 19.36 -16.09 -36.40
CAX M0E C . 19.78 -14.48 -36.58
OBE M0E C . 20.24 -14.23 -37.92
CAQ M0E C . 19.18 -14.42 -38.91
CAW M0E C . 19.72 -14.32 -40.30
OBD M0E C . 20.23 -13.23 -40.74
NAU M0E C . 19.63 -15.61 -41.23
CAO M0E C . 17.91 -13.63 -38.67
OBA M0E C . 16.93 -13.72 -39.72
CAS M0E C . 18.57 -12.26 -38.70
CAP M0E C . 17.56 -13.70 -37.22
OBH M0E C . 16.50 -12.68 -36.89
CAV M0E C . 15.05 -13.43 -37.01
OBC M0E C . 14.01 -12.84 -37.18
NAT M0E C . 14.74 -14.86 -36.95
CAR M0E C . 18.57 -13.67 -36.23
O1 M0E C . 17.80 -14.39 -34.95
C1 M0E C . 17.91 -13.74 -34.05
C2 M0E C . 16.84 -14.12 -32.99
C3 M0E C . 17.14 -13.47 -31.65
O3 M0E C . 16.33 -14.10 -30.66
N2 M0E C . 15.54 -13.61 -33.46
CAG M0E C . 14.35 -14.40 -33.65
CAH M0E C . 12.99 -13.65 -34.18
OAN M0E C . 14.28 -15.61 -33.44
O5 M0E C . 19.26 -13.93 -33.62
C5 M0E C . 19.54 -13.19 -32.33
C6 M0E C . 20.87 -13.55 -31.94
O6 M0E C . 21.78 -13.67 -33.15
CBJ M0E C . 22.72 -12.57 -33.27
OBS M0E C . 22.67 -12.05 -34.63
CBN M0E C . 23.68 -10.99 -34.84
CBO M0E C . 23.65 -10.58 -36.27
OBT M0E C . 22.83 -11.49 -37.03
CBM M0E C . 25.10 -11.47 -34.47
OBR M0E C . 25.89 -10.47 -34.53
CBL M0E C . 25.16 -12.06 -33.08
OBQ M0E C . 26.44 -12.62 -32.89
CBK M0E C . 24.19 -13.07 -32.87
OBP M0E C . 24.20 -13.45 -31.47
C4 M0E C . 18.58 -13.61 -31.24
O4 M0E C . 18.88 -12.76 -30.08
CBU M0E C . 19.32 -13.55 -29.07
CBV M0E C . 20.17 -12.75 -28.02
CBW M0E C . 20.56 -13.58 -26.86
OCD M0E C . 21.17 -12.62 -25.74
NCC M0E C . 21.44 -12.26 -28.74
CCA M0E C . 21.29 -11.05 -29.61
CCB M0E C . 22.48 -10.45 -30.37
OCG M0E C . 20.16 -10.54 -29.69
OCF M0E C . 18.17 -14.20 -28.44
CBY M0E C . 18.62 -15.07 -27.36
CBZ M0E C . 17.36 -15.80 -26.69
CBX M0E C . 19.40 -14.28 -26.27
OCE M0E C . 19.94 -15.26 -25.26
CCH M0E C . 19.83 -14.72 -23.99
OCP M0E C . 20.64 -13.60 -23.88
CCI M0E C . 20.18 -15.82 -22.91
OCN M0E C . 19.20 -16.92 -23.00
CCJ M0E C . 20.18 -15.30 -21.53
OCO M0E C . 20.71 -16.34 -20.63
CCK M0E C . 21.04 -14.14 -21.42
OCR M0E C . 22.40 -14.50 -21.53
CCL M0E C . 20.67 -13.01 -22.49
CCM M0E C . 21.58 -11.94 -22.43
OCQ M0E C . 22.28 -11.71 -23.36
NCS M0E C . 21.65 -11.17 -21.37
#